data_2OTU
#
_entry.id   2OTU
#
_cell.length_a   50.128
_cell.length_b   142.681
_cell.length_c   75.306
_cell.angle_alpha   90.00
_cell.angle_beta   92.66
_cell.angle_gamma   90.00
#
_symmetry.space_group_name_H-M   'P 1 21 1'
#
loop_
_entity.id
_entity.type
_entity.pdbx_description
1 polymer 'Fv light chain variable domain'
2 polymer 'Fv heavy chain variable domain'
3 polymer 'peptide antigen'
4 water water
#
loop_
_entity_poly.entity_id
_entity_poly.type
_entity_poly.pdbx_seq_one_letter_code
_entity_poly.pdbx_strand_id
1 'polypeptide(L)'
;MQLVLTQSSSASFSLGASAKLTCTLSSQHSTYTIEWYQQQPLKPPKYVMELKKDGSHSTGDGIPDRFSGSSSGADRYLSI
SNIQPEDEAIYICGVGDTIKEQFVYVFGGGTKVTV
;
A,C,E,G
2 'polypeptide(L)'
;QVQLQESGGGLVQPGGSLKLSCAASGFTFRDYYMYWVRQTPEKRLEWVAFISNGGGSTYYPDTVKGRFTISRDNAKNTLY
LQMSRLKSEDTAMYYCARGRGYVWFAYWGQGTTVTVSS
;
B,D,F,H
3 'polypeptide(L)' QQQQQQQQQQG P,Q,R,S
#
# COMPACT_ATOMS: atom_id res chain seq x y z
N MET A 1 -5.37 24.71 34.10
CA MET A 1 -5.96 23.54 33.38
C MET A 1 -5.59 23.59 31.90
N GLN A 2 -5.44 22.43 31.29
CA GLN A 2 -5.09 22.37 29.88
C GLN A 2 -6.26 22.82 29.03
N LEU A 3 -5.96 23.30 27.82
CA LEU A 3 -6.98 23.76 26.89
C LEU A 3 -7.66 22.51 26.33
N VAL A 4 -8.95 22.35 26.61
CA VAL A 4 -9.68 21.20 26.14
C VAL A 4 -10.98 21.57 25.44
N LEU A 5 -11.36 20.76 24.46
CA LEU A 5 -12.60 20.97 23.73
C LEU A 5 -13.41 19.69 23.87
N THR A 6 -14.63 19.83 24.37
CA THR A 6 -15.51 18.69 24.57
C THR A 6 -16.70 18.89 23.63
N GLN A 7 -17.01 17.89 22.82
CA GLN A 7 -18.12 18.00 21.88
C GLN A 7 -19.34 17.13 22.19
N SER A 8 -20.50 17.61 21.73
CA SER A 8 -21.76 16.89 21.93
C SER A 8 -21.75 15.58 21.15
N SER A 9 -22.52 14.61 21.65
CA SER A 9 -22.59 13.27 21.05
C SER A 9 -23.17 13.18 19.65
N SER A 10 -22.61 12.26 18.86
CA SER A 10 -23.04 12.01 17.48
C SER A 10 -24.47 11.51 17.45
N ALA A 11 -25.30 12.12 16.61
CA ALA A 11 -26.70 11.72 16.50
C ALA A 11 -27.16 11.69 15.05
N SER A 12 -28.29 11.02 14.81
CA SER A 12 -28.86 10.92 13.49
C SER A 12 -30.00 11.92 13.35
N PHE A 13 -30.23 12.41 12.14
CA PHE A 13 -31.29 13.38 11.91
C PHE A 13 -32.07 13.08 10.64
N SER A 14 -33.28 13.65 10.55
CA SER A 14 -34.13 13.48 9.39
C SER A 14 -33.95 14.67 8.46
N LEU A 15 -33.97 14.42 7.15
CA LEU A 15 -33.81 15.48 6.18
C LEU A 15 -34.81 16.60 6.44
N GLY A 16 -34.34 17.85 6.38
CA GLY A 16 -35.21 18.98 6.61
C GLY A 16 -35.19 19.41 8.07
N ALA A 17 -35.08 18.44 8.96
CA ALA A 17 -35.05 18.70 10.40
C ALA A 17 -33.94 19.70 10.74
N SER A 18 -33.83 20.05 12.02
CA SER A 18 -32.81 20.97 12.48
C SER A 18 -31.83 20.25 13.41
N ALA A 19 -30.68 20.85 13.64
CA ALA A 19 -29.68 20.24 14.51
C ALA A 19 -28.83 21.30 15.21
N LYS A 20 -28.42 21.00 16.44
CA LYS A 20 -27.59 21.93 17.18
C LYS A 20 -26.43 21.18 17.82
N LEU A 21 -25.23 21.48 17.33
CA LEU A 21 -24.02 20.85 17.84
C LEU A 21 -23.36 21.74 18.87
N THR A 22 -22.76 21.14 19.89
CA THR A 22 -22.10 21.89 20.94
C THR A 22 -20.63 21.55 21.10
N CYS A 23 -19.82 22.57 21.32
CA CYS A 23 -18.39 22.43 21.55
C CYS A 23 -18.14 23.30 22.77
N THR A 24 -17.71 22.68 23.86
CA THR A 24 -17.46 23.41 25.10
C THR A 24 -15.98 23.57 25.44
N LEU A 25 -15.58 24.80 25.67
CA LEU A 25 -14.20 25.13 26.02
C LEU A 25 -13.95 24.92 27.50
N SER A 26 -12.72 24.58 27.85
CA SER A 26 -12.36 24.41 29.25
C SER A 26 -12.61 25.77 29.89
N SER A 27 -13.13 25.77 31.11
CA SER A 27 -13.48 27.01 31.82
C SER A 27 -12.46 28.14 31.78
N GLN A 28 -11.18 27.80 31.88
CA GLN A 28 -10.10 28.77 31.85
C GLN A 28 -9.99 29.47 30.49
N HIS A 29 -10.60 28.88 29.48
CA HIS A 29 -10.52 29.42 28.13
C HIS A 29 -11.88 29.78 27.52
N SER A 30 -12.88 29.96 28.38
CA SER A 30 -14.24 30.27 27.94
C SER A 30 -14.44 31.50 27.06
N THR A 31 -13.41 32.31 26.86
CA THR A 31 -13.53 33.50 26.03
C THR A 31 -12.92 33.30 24.65
N TYR A 32 -12.32 32.13 24.45
CA TYR A 32 -11.65 31.81 23.19
C TYR A 32 -12.53 31.70 21.95
N THR A 33 -11.92 32.00 20.81
CA THR A 33 -12.59 31.91 19.53
C THR A 33 -12.20 30.53 18.98
N ILE A 34 -13.17 29.81 18.43
CA ILE A 34 -12.87 28.49 17.90
C ILE A 34 -13.21 28.42 16.42
N GLU A 35 -12.87 27.29 15.82
CA GLU A 35 -13.17 27.05 14.42
C GLU A 35 -13.99 25.78 14.34
N TRP A 36 -14.90 25.74 13.37
CA TRP A 36 -15.72 24.56 13.16
C TRP A 36 -15.25 23.96 11.84
N TYR A 37 -15.09 22.65 11.81
CA TYR A 37 -14.66 21.98 10.59
C TYR A 37 -15.66 20.88 10.23
N GLN A 38 -15.80 20.65 8.94
CA GLN A 38 -16.70 19.63 8.42
C GLN A 38 -15.90 18.68 7.56
N GLN A 39 -16.09 17.39 7.75
CA GLN A 39 -15.41 16.42 6.93
C GLN A 39 -16.35 15.38 6.36
N GLN A 40 -16.54 15.43 5.05
CA GLN A 40 -17.39 14.48 4.37
C GLN A 40 -16.49 13.29 4.03
N PRO A 41 -17.10 12.12 3.78
CA PRO A 41 -16.40 10.87 3.45
C PRO A 41 -15.33 10.97 2.37
N LEU A 42 -14.11 10.53 2.71
CA LEU A 42 -12.97 10.54 1.80
C LEU A 42 -12.53 11.91 1.30
N LYS A 43 -12.87 12.95 2.05
CA LYS A 43 -12.49 14.31 1.68
C LYS A 43 -11.69 14.89 2.83
N PRO A 44 -10.87 15.90 2.55
CA PRO A 44 -10.14 16.44 3.71
C PRO A 44 -11.12 17.27 4.53
N PRO A 45 -10.69 17.72 5.71
CA PRO A 45 -11.58 18.54 6.54
C PRO A 45 -11.76 19.87 5.83
N LYS A 46 -12.90 20.53 6.05
CA LYS A 46 -13.16 21.81 5.41
C LYS A 46 -13.44 22.90 6.44
N TYR A 47 -12.88 24.08 6.23
CA TYR A 47 -13.11 25.19 7.14
C TYR A 47 -14.55 25.67 6.99
N VAL A 48 -15.33 25.51 8.06
CA VAL A 48 -16.71 25.91 8.08
C VAL A 48 -16.88 27.32 8.62
N MET A 49 -16.35 27.59 9.81
CA MET A 49 -16.46 28.94 10.37
C MET A 49 -15.63 29.23 11.61
N GLU A 50 -15.41 30.52 11.84
CA GLU A 50 -14.66 31.04 12.98
C GLU A 50 -15.70 31.65 13.92
N LEU A 51 -15.90 31.04 15.09
CA LEU A 51 -16.90 31.51 16.05
C LEU A 51 -16.30 32.16 17.29
N LYS A 52 -16.71 33.41 17.56
CA LYS A 52 -16.21 34.15 18.71
C LYS A 52 -17.11 34.05 19.94
N LYS A 53 -16.56 34.42 21.09
CA LYS A 53 -17.27 34.37 22.36
C LYS A 53 -18.58 35.18 22.35
N ASP A 54 -18.60 36.25 21.57
CA ASP A 54 -19.80 37.10 21.51
C ASP A 54 -20.85 36.54 20.55
N GLY A 55 -20.52 35.44 19.88
CA GLY A 55 -21.45 34.83 18.95
C GLY A 55 -21.21 35.23 17.50
N SER A 56 -20.45 36.30 17.28
CA SER A 56 -20.18 36.75 15.92
C SER A 56 -19.35 35.69 15.21
N HIS A 57 -19.59 35.51 13.92
CA HIS A 57 -18.87 34.52 13.15
C HIS A 57 -18.79 34.83 11.66
N SER A 58 -17.85 34.19 10.99
CA SER A 58 -17.66 34.35 9.55
C SER A 58 -17.43 32.96 8.99
N THR A 59 -18.28 32.56 8.04
CA THR A 59 -18.18 31.24 7.44
C THR A 59 -17.17 31.20 6.30
N GLY A 60 -16.81 29.99 5.88
CA GLY A 60 -15.87 29.83 4.80
C GLY A 60 -16.57 29.81 3.46
N ASP A 61 -15.81 29.61 2.39
CA ASP A 61 -16.38 29.57 1.06
C ASP A 61 -17.25 28.33 0.86
N GLY A 62 -18.34 28.49 0.12
CA GLY A 62 -19.23 27.37 -0.13
C GLY A 62 -20.01 26.92 1.08
N ILE A 63 -20.11 27.77 2.10
CA ILE A 63 -20.86 27.40 3.29
C ILE A 63 -22.28 27.95 3.23
N PRO A 64 -23.27 27.06 3.09
CA PRO A 64 -24.70 27.37 3.00
C PRO A 64 -25.19 28.23 4.16
N ASP A 65 -25.95 29.27 3.84
CA ASP A 65 -26.50 30.18 4.83
C ASP A 65 -27.24 29.47 5.96
N ARG A 66 -27.75 28.27 5.68
CA ARG A 66 -28.47 27.50 6.69
C ARG A 66 -27.53 27.08 7.82
N PHE A 67 -26.26 27.42 7.68
CA PHE A 67 -25.24 27.13 8.69
C PHE A 67 -25.03 28.38 9.50
N SER A 68 -25.24 28.28 10.82
CA SER A 68 -25.07 29.44 11.69
C SER A 68 -24.35 29.09 12.98
N GLY A 69 -23.78 30.09 13.62
CA GLY A 69 -23.07 29.87 14.87
C GLY A 69 -23.47 30.86 15.95
N SER A 70 -23.41 30.40 17.20
CA SER A 70 -23.76 31.24 18.34
C SER A 70 -22.93 30.75 19.54
N SER A 71 -23.02 31.46 20.66
CA SER A 71 -22.26 31.08 21.84
C SER A 71 -23.04 31.32 23.12
N SER A 72 -22.47 30.84 24.23
CA SER A 72 -23.08 30.99 25.54
C SER A 72 -22.10 30.50 26.59
N GLY A 73 -21.43 31.43 27.27
CA GLY A 73 -20.45 31.04 28.27
C GLY A 73 -19.30 30.37 27.56
N ALA A 74 -18.94 29.17 28.01
CA ALA A 74 -17.84 28.42 27.41
C ALA A 74 -18.35 27.59 26.24
N ASP A 75 -19.65 27.65 25.97
CA ASP A 75 -20.22 26.90 24.88
C ASP A 75 -20.17 27.64 23.55
N ARG A 76 -19.84 26.91 22.50
CA ARG A 76 -19.77 27.45 21.15
C ARG A 76 -20.68 26.51 20.36
N TYR A 77 -21.64 27.06 19.63
CA TYR A 77 -22.58 26.22 18.88
C TYR A 77 -22.55 26.33 17.37
N LEU A 78 -22.99 25.24 16.73
CA LEU A 78 -23.09 25.15 15.27
C LEU A 78 -24.50 24.66 14.98
N SER A 79 -25.34 25.55 14.45
CA SER A 79 -26.73 25.19 14.13
C SER A 79 -26.95 24.99 12.65
N ILE A 80 -27.48 23.82 12.29
CA ILE A 80 -27.75 23.49 10.90
C ILE A 80 -29.25 23.39 10.68
N SER A 81 -29.80 24.34 9.92
CA SER A 81 -31.22 24.36 9.62
C SER A 81 -31.46 23.79 8.23
N ASN A 82 -32.53 23.00 8.10
CA ASN A 82 -32.88 22.41 6.81
C ASN A 82 -31.90 21.30 6.44
N ILE A 83 -31.53 20.49 7.43
CA ILE A 83 -30.59 19.39 7.24
C ILE A 83 -30.78 18.67 5.90
N GLN A 84 -29.75 18.74 5.06
CA GLN A 84 -29.77 18.12 3.74
C GLN A 84 -28.93 16.84 3.74
N PRO A 85 -28.95 16.09 2.64
CA PRO A 85 -28.17 14.85 2.56
C PRO A 85 -26.66 15.09 2.55
N GLU A 86 -26.25 16.21 1.97
CA GLU A 86 -24.82 16.54 1.90
C GLU A 86 -24.26 17.02 3.24
N ASP A 87 -25.13 17.14 4.23
CA ASP A 87 -24.68 17.59 5.55
C ASP A 87 -24.10 16.45 6.38
N GLU A 88 -24.37 15.21 5.96
CA GLU A 88 -23.83 14.08 6.70
C GLU A 88 -22.32 14.20 6.66
N ALA A 89 -21.73 14.46 7.81
CA ALA A 89 -20.29 14.62 7.92
C ALA A 89 -19.90 14.54 9.38
N ILE A 90 -18.60 14.67 9.63
CA ILE A 90 -18.11 14.68 11.00
C ILE A 90 -17.80 16.14 11.21
N TYR A 91 -18.25 16.69 12.33
CA TYR A 91 -18.00 18.09 12.62
C TYR A 91 -17.02 18.15 13.78
N ILE A 92 -15.90 18.81 13.56
CA ILE A 92 -14.87 18.92 14.57
C ILE A 92 -14.57 20.37 14.87
N CYS A 93 -14.51 20.72 16.15
CA CYS A 93 -14.18 22.10 16.49
C CYS A 93 -12.72 22.12 16.87
N GLY A 94 -12.08 23.27 16.68
CA GLY A 94 -10.68 23.41 17.00
C GLY A 94 -10.43 24.75 17.65
N VAL A 95 -9.33 24.86 18.38
CA VAL A 95 -8.98 26.10 19.05
C VAL A 95 -7.46 26.24 19.10
N GLY A 96 -6.98 27.44 18.77
CA GLY A 96 -5.55 27.70 18.75
C GLY A 96 -5.17 28.75 19.78
N ASP A 97 -3.94 28.67 20.26
CA ASP A 97 -3.42 29.59 21.26
C ASP A 97 -1.95 29.81 20.90
N THR A 98 -1.71 30.80 20.04
CA THR A 98 -0.35 31.10 19.57
C THR A 98 0.57 31.69 20.64
N ILE A 99 0.75 30.95 21.73
CA ILE A 99 1.60 31.38 22.82
C ILE A 99 3.06 31.31 22.32
N LYS A 100 3.75 32.45 22.38
CA LYS A 100 5.13 32.53 21.91
C LYS A 100 6.05 31.42 22.42
N GLU A 101 5.91 31.07 23.70
CA GLU A 101 6.75 30.03 24.28
C GLU A 101 6.47 28.68 23.62
N GLN A 102 5.20 28.40 23.34
CA GLN A 102 4.80 27.15 22.73
C GLN A 102 3.40 27.23 22.14
N PHE A 103 3.28 27.14 20.82
CA PHE A 103 1.98 27.18 20.16
C PHE A 103 1.18 25.96 20.58
N VAL A 104 -0.14 26.13 20.63
CA VAL A 104 -1.03 25.03 20.99
C VAL A 104 -2.25 25.05 20.09
N TYR A 105 -2.64 23.88 19.62
CA TYR A 105 -3.86 23.77 18.84
C TYR A 105 -4.53 22.47 19.24
N VAL A 106 -5.77 22.59 19.68
CA VAL A 106 -6.53 21.44 20.14
C VAL A 106 -7.78 21.22 19.31
N PHE A 107 -8.05 19.96 18.96
CA PHE A 107 -9.24 19.61 18.19
C PHE A 107 -10.18 18.85 19.12
N GLY A 108 -11.48 19.02 18.89
CA GLY A 108 -12.46 18.30 19.69
C GLY A 108 -12.50 16.88 19.18
N GLY A 109 -13.23 16.00 19.87
CA GLY A 109 -13.32 14.61 19.46
C GLY A 109 -14.15 14.37 18.21
N GLY A 110 -14.91 15.38 17.81
CA GLY A 110 -15.73 15.26 16.62
C GLY A 110 -17.14 14.75 16.89
N THR A 111 -18.09 15.20 16.08
CA THR A 111 -19.48 14.79 16.22
C THR A 111 -20.00 14.28 14.87
N LYS A 112 -20.36 13.00 14.83
CA LYS A 112 -20.89 12.39 13.62
C LYS A 112 -22.35 12.75 13.41
N VAL A 113 -22.64 13.50 12.36
CA VAL A 113 -24.01 13.87 12.07
C VAL A 113 -24.56 12.95 10.99
N THR A 114 -25.18 11.86 11.42
CA THR A 114 -25.78 10.92 10.48
C THR A 114 -27.12 11.53 10.13
N VAL A 115 -27.48 11.46 8.85
CA VAL A 115 -28.74 12.02 8.41
C VAL A 115 -29.65 10.92 7.84
N GLN B 1 -6.66 30.07 -7.60
CA GLN B 1 -7.19 29.14 -6.55
C GLN B 1 -6.03 28.51 -5.77
N VAL B 2 -6.20 28.41 -4.46
CA VAL B 2 -5.17 27.82 -3.59
C VAL B 2 -5.14 26.30 -3.75
N GLN B 3 -3.95 25.76 -3.98
CA GLN B 3 -3.77 24.33 -4.13
C GLN B 3 -2.59 23.83 -3.29
N LEU B 4 -2.81 22.72 -2.59
CA LEU B 4 -1.79 22.09 -1.75
C LEU B 4 -1.84 20.62 -2.12
N GLN B 5 -0.70 20.05 -2.49
CA GLN B 5 -0.65 18.65 -2.90
C GLN B 5 0.46 17.91 -2.14
N GLU B 6 0.06 17.05 -1.22
CA GLU B 6 1.02 16.26 -0.43
C GLU B 6 1.47 15.00 -1.18
N SER B 7 2.64 14.50 -0.80
CA SER B 7 3.18 13.28 -1.38
C SER B 7 4.25 12.72 -0.44
N GLY B 8 4.65 11.48 -0.68
CA GLY B 8 5.70 10.88 0.13
C GLY B 8 5.27 9.79 1.09
N GLY B 9 3.97 9.58 1.25
CA GLY B 9 3.51 8.56 2.17
C GLY B 9 3.76 7.14 1.65
N GLY B 10 3.59 6.15 2.53
CA GLY B 10 3.78 4.78 2.14
C GLY B 10 3.84 3.87 3.34
N LEU B 11 4.21 2.60 3.11
CA LEU B 11 4.31 1.63 4.18
C LEU B 11 5.71 1.67 4.79
N VAL B 12 5.77 1.85 6.11
CA VAL B 12 7.04 1.92 6.82
C VAL B 12 6.99 1.12 8.13
N GLN B 13 8.12 1.00 8.81
CA GLN B 13 8.19 0.24 10.08
C GLN B 13 8.50 1.13 11.25
N PRO B 14 8.16 0.68 12.47
CA PRO B 14 8.46 1.48 13.65
C PRO B 14 9.98 1.64 13.69
N GLY B 15 10.46 2.81 14.09
CA GLY B 15 11.90 3.05 14.14
C GLY B 15 12.45 3.54 12.82
N GLY B 16 11.62 3.49 11.78
CA GLY B 16 12.05 3.94 10.46
C GLY B 16 11.88 5.43 10.28
N SER B 17 11.99 5.89 9.03
CA SER B 17 11.86 7.31 8.75
C SER B 17 11.45 7.55 7.30
N LEU B 18 10.88 8.72 7.05
CA LEU B 18 10.48 9.11 5.70
C LEU B 18 10.23 10.61 5.71
N LYS B 19 10.20 11.21 4.53
CA LYS B 19 9.97 12.64 4.44
C LYS B 19 8.84 12.96 3.49
N LEU B 20 7.86 13.71 3.98
CA LEU B 20 6.71 14.10 3.17
C LEU B 20 6.96 15.46 2.54
N SER B 21 6.30 15.69 1.40
CA SER B 21 6.40 16.97 0.70
C SER B 21 5.00 17.51 0.43
N CYS B 22 4.91 18.82 0.24
CA CYS B 22 3.65 19.46 -0.07
C CYS B 22 3.95 20.58 -1.05
N ALA B 23 3.45 20.44 -2.27
CA ALA B 23 3.67 21.44 -3.32
C ALA B 23 2.54 22.45 -3.22
N ALA B 24 2.89 23.72 -3.08
CA ALA B 24 1.90 24.78 -2.97
C ALA B 24 1.83 25.64 -4.22
N SER B 25 0.64 26.16 -4.50
CA SER B 25 0.41 27.02 -5.66
C SER B 25 -0.89 27.80 -5.47
N GLY B 26 -1.10 28.82 -6.30
CA GLY B 26 -2.30 29.62 -6.20
C GLY B 26 -2.16 30.79 -5.25
N PHE B 27 -0.99 30.92 -4.62
CA PHE B 27 -0.76 32.01 -3.69
C PHE B 27 0.73 32.26 -3.49
N THR B 28 1.07 33.36 -2.81
CA THR B 28 2.46 33.71 -2.54
C THR B 28 2.92 32.92 -1.32
N PHE B 29 3.49 31.75 -1.59
CA PHE B 29 3.98 30.83 -0.56
C PHE B 29 4.79 31.48 0.56
N ARG B 30 5.80 32.28 0.20
CA ARG B 30 6.66 32.90 1.19
C ARG B 30 5.99 33.88 2.15
N ASP B 31 4.74 34.26 1.87
CA ASP B 31 4.04 35.19 2.73
C ASP B 31 3.20 34.51 3.82
N TYR B 32 3.08 33.19 3.75
CA TYR B 32 2.25 32.50 4.72
C TYR B 32 2.86 31.47 5.64
N TYR B 33 2.26 31.36 6.82
CA TYR B 33 2.65 30.36 7.80
C TYR B 33 2.11 29.07 7.18
N MET B 34 2.78 27.96 7.44
CA MET B 34 2.31 26.67 6.92
C MET B 34 2.23 25.64 8.04
N TYR B 35 1.39 24.63 7.86
CA TYR B 35 1.18 23.62 8.89
C TYR B 35 1.03 22.19 8.38
N TRP B 36 1.18 21.24 9.30
CA TRP B 36 0.93 19.85 9.02
C TRP B 36 -0.09 19.43 10.08
N VAL B 37 -1.12 18.73 9.66
CA VAL B 37 -2.17 18.24 10.55
C VAL B 37 -2.40 16.80 10.12
N ARG B 38 -2.62 15.91 11.08
CA ARG B 38 -2.84 14.52 10.70
C ARG B 38 -4.16 14.01 11.23
N GLN B 39 -4.67 12.95 10.60
CA GLN B 39 -5.92 12.36 11.01
C GLN B 39 -5.67 10.87 11.19
N THR B 40 -5.88 10.39 12.40
CA THR B 40 -5.67 8.98 12.72
C THR B 40 -6.77 8.10 12.15
N PRO B 41 -6.54 6.78 12.12
CA PRO B 41 -7.56 5.88 11.58
C PRO B 41 -8.91 6.01 12.29
N GLU B 42 -8.91 6.45 13.55
CA GLU B 42 -10.18 6.61 14.28
C GLU B 42 -10.80 7.96 13.97
N LYS B 43 -10.24 8.63 12.96
CA LYS B 43 -10.72 9.92 12.47
C LYS B 43 -10.43 11.12 13.35
N ARG B 44 -9.57 10.97 14.35
CA ARG B 44 -9.23 12.08 15.23
C ARG B 44 -8.20 12.98 14.56
N LEU B 45 -8.38 14.28 14.66
CA LEU B 45 -7.45 15.24 14.07
C LEU B 45 -6.46 15.73 15.10
N GLU B 46 -5.21 15.92 14.68
CA GLU B 46 -4.17 16.39 15.57
C GLU B 46 -3.20 17.29 14.82
N TRP B 47 -3.01 18.51 15.34
CA TRP B 47 -2.07 19.45 14.75
C TRP B 47 -0.68 18.88 15.02
N VAL B 48 0.14 18.81 13.97
CA VAL B 48 1.48 18.22 14.04
C VAL B 48 2.68 19.17 13.99
N ALA B 49 2.57 20.24 13.23
CA ALA B 49 3.70 21.16 13.12
C ALA B 49 3.34 22.51 12.53
N PHE B 50 4.13 23.52 12.86
CA PHE B 50 3.96 24.89 12.39
C PHE B 50 5.30 25.45 11.95
N ILE B 51 5.30 26.22 10.87
CA ILE B 51 6.52 26.87 10.44
C ILE B 51 6.13 28.25 9.92
N SER B 52 6.87 29.28 10.35
CA SER B 52 6.57 30.65 9.93
C SER B 52 6.89 30.81 8.44
N ASN B 53 6.47 31.95 7.88
CA ASN B 53 6.66 32.20 6.45
C ASN B 53 8.08 32.09 5.89
N GLY B 54 9.06 32.57 6.64
CA GLY B 54 10.44 32.50 6.18
C GLY B 54 11.19 31.33 6.77
N GLY B 55 10.48 30.49 7.52
CA GLY B 55 11.09 29.32 8.15
C GLY B 55 11.80 29.65 9.45
N GLY B 56 11.66 30.89 9.92
CA GLY B 56 12.32 31.31 11.14
C GLY B 56 11.90 30.65 12.44
N SER B 57 10.62 30.32 12.58
CA SER B 57 10.12 29.70 13.80
C SER B 57 9.36 28.41 13.51
N THR B 58 9.49 27.45 14.40
CA THR B 58 8.77 26.18 14.29
C THR B 58 8.23 25.79 15.65
N TYR B 59 7.11 25.07 15.67
CA TYR B 59 6.51 24.60 16.91
C TYR B 59 5.91 23.23 16.64
N TYR B 60 5.91 22.39 17.68
CA TYR B 60 5.36 21.04 17.59
C TYR B 60 4.72 20.65 18.90
N PRO B 61 3.75 19.72 18.85
CA PRO B 61 3.10 19.27 20.08
C PRO B 61 4.07 18.25 20.69
N ASP B 62 3.91 17.94 21.97
CA ASP B 62 4.81 16.98 22.62
C ASP B 62 4.86 15.59 22.01
N THR B 63 3.76 15.16 21.40
CA THR B 63 3.70 13.84 20.78
C THR B 63 4.72 13.59 19.67
N VAL B 64 5.19 14.64 19.02
CA VAL B 64 6.14 14.46 17.91
C VAL B 64 7.38 15.35 17.97
N LYS B 65 7.44 16.25 18.95
CA LYS B 65 8.55 17.19 19.05
C LYS B 65 9.98 16.78 18.72
N GLY B 66 10.52 15.77 19.39
CA GLY B 66 11.89 15.38 19.09
C GLY B 66 12.04 14.40 17.94
N ARG B 67 10.94 14.13 17.24
CA ARG B 67 10.98 13.17 16.14
C ARG B 67 10.67 13.72 14.75
N PHE B 68 9.76 14.70 14.69
CA PHE B 68 9.36 15.30 13.42
C PHE B 68 10.02 16.65 13.23
N THR B 69 10.34 17.00 11.98
CA THR B 69 10.93 18.29 11.68
C THR B 69 10.23 18.90 10.47
N ILE B 70 9.67 20.09 10.65
CA ILE B 70 8.99 20.78 9.56
C ILE B 70 9.99 21.78 8.95
N SER B 71 10.00 21.86 7.63
CA SER B 71 10.91 22.76 6.92
C SER B 71 10.25 23.22 5.63
N ARG B 72 10.85 24.20 4.97
CA ARG B 72 10.29 24.69 3.71
C ARG B 72 11.38 25.27 2.83
N ASP B 73 11.14 25.19 1.51
CA ASP B 73 12.07 25.75 0.54
C ASP B 73 11.16 26.70 -0.24
N ASN B 74 11.22 27.98 0.09
CA ASN B 74 10.36 28.95 -0.56
C ASN B 74 10.61 29.11 -2.04
N ALA B 75 11.83 28.86 -2.48
CA ALA B 75 12.16 28.97 -3.90
C ALA B 75 11.44 27.88 -4.68
N LYS B 76 11.19 26.75 -4.03
CA LYS B 76 10.52 25.62 -4.67
C LYS B 76 9.03 25.57 -4.32
N ASN B 77 8.56 26.50 -3.49
CA ASN B 77 7.16 26.53 -3.08
C ASN B 77 6.79 25.17 -2.52
N THR B 78 7.67 24.63 -1.67
CA THR B 78 7.43 23.30 -1.10
C THR B 78 7.61 23.27 0.41
N LEU B 79 6.72 22.54 1.08
CA LEU B 79 6.75 22.36 2.52
C LEU B 79 7.13 20.90 2.74
N TYR B 80 7.88 20.61 3.80
CA TYR B 80 8.29 19.23 4.08
C TYR B 80 8.06 18.86 5.53
N LEU B 81 7.98 17.55 5.78
CA LEU B 81 7.86 17.03 7.13
C LEU B 81 8.75 15.79 7.21
N GLN B 82 9.86 15.92 7.91
CA GLN B 82 10.78 14.81 8.08
C GLN B 82 10.25 14.05 9.29
N MET B 83 9.97 12.77 9.11
CA MET B 83 9.44 11.93 10.17
C MET B 83 10.44 10.84 10.51
N SER B 84 11.09 10.97 11.67
CA SER B 84 12.07 9.98 12.09
C SER B 84 11.62 9.23 13.35
N ARG B 85 12.29 8.12 13.64
CA ARG B 85 11.97 7.28 14.80
C ARG B 85 10.47 7.08 14.86
N LEU B 86 9.92 6.60 13.74
CA LEU B 86 8.49 6.38 13.61
C LEU B 86 7.90 5.45 14.67
N LYS B 87 6.68 5.76 15.07
CA LYS B 87 5.93 4.97 16.04
C LYS B 87 4.65 4.49 15.36
N SER B 88 4.13 3.36 15.80
CA SER B 88 2.90 2.83 15.21
C SER B 88 1.82 3.92 15.25
N GLU B 89 1.84 4.72 16.31
CA GLU B 89 0.87 5.78 16.48
C GLU B 89 0.95 6.90 15.45
N ASP B 90 2.01 6.90 14.65
CA ASP B 90 2.16 7.92 13.61
C ASP B 90 1.35 7.56 12.37
N THR B 91 0.74 6.37 12.36
CA THR B 91 -0.09 5.95 11.24
C THR B 91 -1.26 6.93 11.13
N ALA B 92 -1.37 7.60 9.99
CA ALA B 92 -2.42 8.58 9.80
C ALA B 92 -2.35 9.19 8.41
N MET B 93 -3.38 9.96 8.09
CA MET B 93 -3.43 10.70 6.84
C MET B 93 -2.81 12.03 7.23
N TYR B 94 -1.78 12.45 6.49
CA TYR B 94 -1.10 13.70 6.77
C TYR B 94 -1.50 14.79 5.78
N TYR B 95 -1.92 15.93 6.32
CA TYR B 95 -2.36 17.06 5.52
C TYR B 95 -1.51 18.30 5.71
N CYS B 96 -1.26 19.03 4.63
CA CYS B 96 -0.58 20.30 4.78
C CYS B 96 -1.73 21.29 4.76
N ALA B 97 -1.54 22.42 5.42
CA ALA B 97 -2.60 23.41 5.47
C ALA B 97 -2.04 24.82 5.52
N ARG B 98 -2.88 25.78 5.12
CA ARG B 98 -2.51 27.19 5.12
C ARG B 98 -3.65 27.95 5.78
N GLY B 99 -3.34 29.05 6.46
CA GLY B 99 -4.39 29.79 7.13
C GLY B 99 -4.89 31.02 6.39
N ARG B 100 -5.84 31.71 7.01
CA ARG B 100 -6.42 32.92 6.44
C ARG B 100 -6.87 33.77 7.62
N GLY B 101 -6.45 35.05 7.62
CA GLY B 101 -6.81 35.92 8.72
C GLY B 101 -6.18 35.40 9.99
N TYR B 102 -7.00 35.01 10.96
CA TYR B 102 -6.50 34.47 12.21
C TYR B 102 -6.71 32.96 12.30
N VAL B 103 -7.32 32.38 11.27
CA VAL B 103 -7.58 30.94 11.23
C VAL B 103 -6.36 30.17 10.72
N TRP B 104 -5.95 29.17 11.49
CA TRP B 104 -4.79 28.37 11.13
C TRP B 104 -5.00 27.49 9.90
N PHE B 105 -6.07 26.70 9.91
CA PHE B 105 -6.33 25.76 8.83
C PHE B 105 -7.51 26.13 7.93
N ALA B 106 -7.30 27.12 7.06
CA ALA B 106 -8.33 27.58 6.13
C ALA B 106 -8.32 26.75 4.85
N TYR B 107 -7.12 26.37 4.39
CA TYR B 107 -6.97 25.58 3.19
C TYR B 107 -6.24 24.28 3.52
N TRP B 108 -6.76 23.17 3.00
CA TRP B 108 -6.19 21.85 3.25
C TRP B 108 -5.84 21.12 1.95
N GLY B 109 -4.81 20.28 2.03
CA GLY B 109 -4.42 19.50 0.87
C GLY B 109 -5.29 18.26 0.81
N GLN B 110 -4.99 17.33 -0.09
CA GLN B 110 -5.78 16.11 -0.20
C GLN B 110 -5.28 15.02 0.74
N GLY B 111 -4.05 15.19 1.21
CA GLY B 111 -3.46 14.24 2.13
C GLY B 111 -2.66 13.08 1.58
N THR B 112 -1.75 12.56 2.39
CA THR B 112 -0.95 11.41 2.01
C THR B 112 -0.89 10.53 3.25
N THR B 113 -1.12 9.23 3.07
CA THR B 113 -1.15 8.29 4.18
C THR B 113 0.18 7.66 4.53
N VAL B 114 0.51 7.70 5.81
CA VAL B 114 1.73 7.08 6.29
C VAL B 114 1.24 5.89 7.13
N THR B 115 1.68 4.69 6.74
CA THR B 115 1.26 3.48 7.44
C THR B 115 2.45 2.83 8.12
N VAL B 116 2.43 2.83 9.46
CA VAL B 116 3.53 2.25 10.23
C VAL B 116 3.12 0.90 10.82
N SER B 117 3.78 -0.16 10.39
CA SER B 117 3.45 -1.48 10.92
C SER B 117 4.69 -2.36 11.09
N SER B 118 4.67 -3.14 12.16
CA SER B 118 5.76 -4.05 12.51
C SER B 118 5.84 -5.24 11.56
N MET C 1 -3.41 -30.73 -2.81
CA MET C 1 -3.00 -29.67 -1.85
C MET C 1 -3.17 -28.30 -2.50
N GLN C 2 -3.13 -27.24 -1.69
CA GLN C 2 -3.26 -25.89 -2.22
C GLN C 2 -1.94 -25.37 -2.73
N LEU C 3 -2.02 -24.39 -3.64
CA LEU C 3 -0.82 -23.79 -4.22
C LEU C 3 -0.20 -22.87 -3.18
N VAL C 4 1.04 -23.17 -2.79
CA VAL C 4 1.74 -22.37 -1.79
C VAL C 4 3.19 -22.11 -2.13
N LEU C 5 3.69 -20.95 -1.71
CA LEU C 5 5.07 -20.57 -1.93
C LEU C 5 5.71 -20.26 -0.58
N THR C 6 6.83 -20.91 -0.28
CA THR C 6 7.53 -20.71 0.98
C THR C 6 8.89 -20.09 0.71
N GLN C 7 9.19 -18.97 1.35
CA GLN C 7 10.46 -18.32 1.13
C GLN C 7 11.46 -18.47 2.27
N SER C 8 12.74 -18.34 1.93
CA SER C 8 13.82 -18.45 2.90
C SER C 8 13.74 -17.27 3.87
N SER C 9 14.45 -17.39 4.98
CA SER C 9 14.46 -16.34 5.99
C SER C 9 15.23 -15.10 5.57
N SER C 10 14.76 -13.95 6.04
CA SER C 10 15.41 -12.68 5.76
C SER C 10 16.85 -12.82 6.20
N ALA C 11 17.74 -12.04 5.60
CA ALA C 11 19.15 -12.11 5.95
C ALA C 11 19.90 -10.86 5.55
N SER C 12 21.07 -10.67 6.14
CA SER C 12 21.91 -9.52 5.84
C SER C 12 23.18 -9.99 5.15
N PHE C 13 23.67 -9.21 4.18
CA PHE C 13 24.88 -9.57 3.46
C PHE C 13 25.88 -8.41 3.41
N SER C 14 27.14 -8.74 3.12
CA SER C 14 28.20 -7.74 3.04
C SER C 14 28.38 -7.27 1.60
N LEU C 15 28.55 -5.96 1.41
CA LEU C 15 28.74 -5.41 0.08
C LEU C 15 29.79 -6.22 -0.67
N GLY C 16 29.43 -6.67 -1.87
CA GLY C 16 30.34 -7.47 -2.67
C GLY C 16 30.04 -8.94 -2.50
N ALA C 17 29.41 -9.28 -1.37
CA ALA C 17 29.05 -10.65 -1.07
C ALA C 17 28.11 -11.24 -2.12
N SER C 18 27.85 -12.54 -2.01
CA SER C 18 26.97 -13.22 -2.96
C SER C 18 25.75 -13.80 -2.24
N ALA C 19 24.56 -13.50 -2.79
CA ALA C 19 23.32 -13.96 -2.19
C ALA C 19 22.52 -14.96 -3.02
N LYS C 20 21.79 -15.82 -2.33
CA LYS C 20 20.96 -16.82 -2.97
C LYS C 20 19.70 -17.02 -2.12
N LEU C 21 18.57 -16.56 -2.65
CA LEU C 21 17.29 -16.67 -1.96
C LEU C 21 16.54 -17.89 -2.47
N THR C 22 15.70 -18.48 -1.62
CA THR C 22 14.94 -19.65 -2.00
C THR C 22 13.43 -19.49 -1.86
N CYS C 23 12.71 -19.94 -2.88
CA CYS C 23 11.25 -19.89 -2.90
C CYS C 23 10.84 -21.32 -3.23
N THR C 24 10.13 -21.96 -2.30
CA THR C 24 9.73 -23.33 -2.52
C THR C 24 8.26 -23.52 -2.86
N LEU C 25 8.03 -24.20 -3.98
CA LEU C 25 6.69 -24.48 -4.47
C LEU C 25 6.14 -25.71 -3.76
N SER C 26 4.83 -25.74 -3.57
CA SER C 26 4.19 -26.90 -2.96
C SER C 26 4.44 -28.06 -3.93
N SER C 27 4.81 -29.21 -3.39
CA SER C 27 5.13 -30.40 -4.20
C SER C 27 4.20 -30.68 -5.38
N GLN C 28 2.90 -30.52 -5.17
CA GLN C 28 1.93 -30.78 -6.24
C GLN C 28 2.12 -29.86 -7.43
N HIS C 29 2.77 -28.72 -7.22
CA HIS C 29 3.01 -27.75 -8.29
C HIS C 29 4.51 -27.51 -8.48
N SER C 30 5.28 -28.58 -8.34
CA SER C 30 6.74 -28.54 -8.45
C SER C 30 7.31 -28.10 -9.79
N THR C 31 6.50 -28.15 -10.84
CA THR C 31 6.98 -27.80 -12.18
C THR C 31 6.55 -26.40 -12.61
N TYR C 32 5.86 -25.70 -11.73
CA TYR C 32 5.37 -24.36 -12.02
C TYR C 32 6.44 -23.30 -12.25
N THR C 33 6.10 -22.32 -13.10
CA THR C 33 6.98 -21.20 -13.41
C THR C 33 6.58 -20.09 -12.46
N ILE C 34 7.57 -19.44 -11.84
CA ILE C 34 7.28 -18.35 -10.91
C ILE C 34 7.91 -17.04 -11.33
N GLU C 35 7.56 -15.98 -10.61
CA GLU C 35 8.10 -14.66 -10.85
C GLU C 35 8.75 -14.19 -9.57
N TRP C 36 9.84 -13.42 -9.70
CA TRP C 36 10.51 -12.85 -8.55
C TRP C 36 10.25 -11.35 -8.62
N TYR C 37 9.97 -10.73 -7.48
CA TYR C 37 9.73 -9.29 -7.42
C TYR C 37 10.65 -8.67 -6.38
N GLN C 38 11.00 -7.42 -6.61
CA GLN C 38 11.88 -6.69 -5.70
C GLN C 38 11.13 -5.45 -5.22
N GLN C 39 11.16 -5.18 -3.92
CA GLN C 39 10.52 -3.96 -3.43
C GLN C 39 11.45 -3.20 -2.50
N GLN C 40 11.90 -2.04 -2.98
CA GLN C 40 12.78 -1.18 -2.20
C GLN C 40 11.84 -0.30 -1.37
N PRO C 41 12.33 0.24 -0.25
CA PRO C 41 11.52 1.10 0.61
C PRO C 41 10.71 2.18 -0.09
N LEU C 42 9.42 2.26 0.25
CA LEU C 42 8.51 3.25 -0.31
C LEU C 42 8.33 3.22 -1.82
N LYS C 43 8.70 2.11 -2.44
CA LYS C 43 8.55 1.99 -3.88
C LYS C 43 7.61 0.83 -4.20
N PRO C 44 7.07 0.82 -5.42
CA PRO C 44 6.16 -0.26 -5.82
C PRO C 44 7.00 -1.51 -6.10
N PRO C 45 6.39 -2.69 -6.01
CA PRO C 45 7.15 -3.90 -6.29
C PRO C 45 7.60 -3.78 -7.75
N LYS C 46 8.74 -4.37 -8.06
CA LYS C 46 9.27 -4.35 -9.43
C LYS C 46 9.49 -5.78 -9.88
N TYR C 47 9.07 -6.09 -11.10
CA TYR C 47 9.24 -7.43 -11.67
C TYR C 47 10.73 -7.65 -11.94
N VAL C 48 11.28 -8.73 -11.39
CA VAL C 48 12.70 -9.04 -11.56
C VAL C 48 12.93 -10.08 -12.65
N MET C 49 12.23 -11.20 -12.57
CA MET C 49 12.38 -12.25 -13.57
C MET C 49 11.31 -13.32 -13.48
N GLU C 50 11.15 -14.05 -14.57
CA GLU C 50 10.22 -15.17 -14.68
C GLU C 50 11.16 -16.37 -14.70
N LEU C 51 10.98 -17.30 -13.78
CA LEU C 51 11.86 -18.47 -13.66
C LEU C 51 11.14 -19.80 -13.85
N LYS C 52 11.62 -20.58 -14.82
CA LYS C 52 11.02 -21.87 -15.12
C LYS C 52 11.65 -23.03 -14.34
N LYS C 53 10.98 -24.17 -14.37
CA LYS C 53 11.43 -25.37 -13.66
C LYS C 53 12.81 -25.86 -14.08
N ASP C 54 13.23 -25.57 -15.31
CA ASP C 54 14.54 -26.02 -15.77
C ASP C 54 15.64 -25.00 -15.52
N GLY C 55 15.31 -23.94 -14.77
CA GLY C 55 16.30 -22.94 -14.46
C GLY C 55 16.37 -21.77 -15.43
N SER C 56 15.79 -21.94 -16.62
CA SER C 56 15.80 -20.86 -17.60
C SER C 56 14.96 -19.70 -17.10
N HIS C 57 15.41 -18.47 -17.38
CA HIS C 57 14.68 -17.30 -16.93
C HIS C 57 14.74 -16.11 -17.88
N SER C 58 13.81 -15.19 -17.69
CA SER C 58 13.72 -13.98 -18.49
C SER C 58 13.77 -12.83 -17.47
N THR C 59 14.77 -11.97 -17.60
CA THR C 59 14.92 -10.86 -16.66
C THR C 59 14.20 -9.59 -17.12
N GLY C 60 13.57 -8.91 -16.18
CA GLY C 60 12.86 -7.69 -16.49
C GLY C 60 13.81 -6.57 -16.85
N ASP C 61 13.27 -5.50 -17.42
CA ASP C 61 14.07 -4.35 -17.80
C ASP C 61 14.61 -3.63 -16.57
N GLY C 62 15.76 -3.00 -16.71
CA GLY C 62 16.36 -2.27 -15.60
C GLY C 62 16.96 -3.17 -14.52
N ILE C 63 17.09 -4.45 -14.83
CA ILE C 63 17.66 -5.40 -13.87
C ILE C 63 19.13 -5.70 -14.19
N PRO C 64 20.04 -5.36 -13.26
CA PRO C 64 21.49 -5.58 -13.41
C PRO C 64 21.81 -7.04 -13.71
N ASP C 65 22.87 -7.28 -14.45
CA ASP C 65 23.23 -8.65 -14.79
C ASP C 65 23.77 -9.47 -13.61
N ARG C 66 23.81 -8.87 -12.42
CA ARG C 66 24.28 -9.56 -11.22
C ARG C 66 23.18 -10.49 -10.71
N PHE C 67 21.96 -10.30 -11.22
CA PHE C 67 20.82 -11.11 -10.81
C PHE C 67 20.66 -12.31 -11.76
N SER C 68 20.45 -13.49 -11.20
CA SER C 68 20.26 -14.68 -12.01
C SER C 68 19.33 -15.66 -11.28
N GLY C 69 18.82 -16.64 -12.01
CA GLY C 69 17.93 -17.61 -11.39
C GLY C 69 18.27 -19.05 -11.73
N SER C 70 17.84 -19.97 -10.88
CA SER C 70 18.09 -21.40 -11.08
C SER C 70 17.01 -22.21 -10.36
N SER C 71 16.93 -23.50 -10.67
CA SER C 71 15.92 -24.36 -10.04
C SER C 71 16.43 -25.73 -9.61
N SER C 72 15.70 -26.33 -8.68
CA SER C 72 15.99 -27.67 -8.17
C SER C 72 14.68 -28.23 -7.65
N GLY C 73 14.08 -29.14 -8.40
CA GLY C 73 12.81 -29.70 -7.98
C GLY C 73 11.81 -28.59 -7.81
N ALA C 74 11.18 -28.52 -6.64
CA ALA C 74 10.19 -27.47 -6.38
C ALA C 74 10.83 -26.16 -5.93
N ASP C 75 12.16 -26.15 -5.86
CA ASP C 75 12.88 -24.95 -5.43
C ASP C 75 13.23 -24.00 -6.58
N ARG C 76 13.10 -22.71 -6.31
CA ARG C 76 13.40 -21.67 -7.28
C ARG C 76 14.38 -20.73 -6.56
N TYR C 77 15.47 -20.39 -7.22
CA TYR C 77 16.46 -19.53 -6.59
C TYR C 77 16.72 -18.21 -7.30
N LEU C 78 16.97 -17.18 -6.50
CA LEU C 78 17.30 -15.86 -7.03
C LEU C 78 18.70 -15.61 -6.50
N SER C 79 19.67 -15.54 -7.39
CA SER C 79 21.05 -15.31 -6.99
C SER C 79 21.49 -13.89 -7.32
N ILE C 80 22.16 -13.26 -6.36
CA ILE C 80 22.65 -11.89 -6.54
C ILE C 80 24.14 -11.89 -6.23
N SER C 81 24.95 -11.58 -7.25
CA SER C 81 26.40 -11.55 -7.08
C SER C 81 26.89 -10.13 -6.84
N ASN C 82 27.97 -9.99 -6.08
CA ASN C 82 28.54 -8.69 -5.76
C ASN C 82 27.41 -7.76 -5.34
N ILE C 83 26.71 -8.16 -4.28
CA ILE C 83 25.58 -7.42 -3.75
C ILE C 83 25.90 -5.96 -3.40
N GLN C 84 25.16 -5.07 -4.03
CA GLN C 84 25.31 -3.63 -3.84
C GLN C 84 24.29 -3.07 -2.85
N PRO C 85 24.48 -1.81 -2.42
CA PRO C 85 23.59 -1.16 -1.46
C PRO C 85 22.14 -1.07 -1.96
N GLU C 86 21.96 -0.80 -3.24
CA GLU C 86 20.63 -0.67 -3.81
C GLU C 86 19.86 -1.98 -3.90
N ASP C 87 20.52 -3.10 -3.64
CA ASP C 87 19.84 -4.38 -3.71
C ASP C 87 19.13 -4.69 -2.39
N GLU C 88 19.31 -3.81 -1.41
CA GLU C 88 18.64 -3.98 -0.13
C GLU C 88 17.16 -3.80 -0.44
N ALA C 89 16.37 -4.83 -0.19
CA ALA C 89 14.94 -4.78 -0.47
C ALA C 89 14.27 -6.06 0.00
N ILE C 90 12.95 -6.10 -0.19
CA ILE C 90 12.19 -7.28 0.14
C ILE C 90 12.05 -8.00 -1.19
N TYR C 91 12.33 -9.29 -1.23
CA TYR C 91 12.20 -10.06 -2.45
C TYR C 91 11.04 -11.01 -2.24
N ILE C 92 10.06 -10.92 -3.15
CA ILE C 92 8.86 -11.74 -3.06
C ILE C 92 8.68 -12.56 -4.32
N CYS C 93 8.33 -13.82 -4.15
CA CYS C 93 8.07 -14.66 -5.31
C CYS C 93 6.57 -14.80 -5.46
N GLY C 94 6.12 -15.09 -6.67
CA GLY C 94 4.71 -15.24 -6.93
C GLY C 94 4.51 -16.29 -8.00
N VAL C 95 3.31 -16.86 -8.04
CA VAL C 95 2.99 -17.89 -9.02
C VAL C 95 1.52 -17.80 -9.42
N GLY C 96 1.27 -17.90 -10.71
CA GLY C 96 -0.10 -17.83 -11.21
C GLY C 96 -0.59 -19.14 -11.79
N ASP C 97 -1.90 -19.25 -11.92
CA ASP C 97 -2.53 -20.45 -12.46
C ASP C 97 -3.88 -19.98 -13.01
N THR C 98 -3.93 -19.80 -14.33
CA THR C 98 -5.12 -19.31 -15.01
C THR C 98 -6.19 -20.35 -15.31
N ILE C 99 -6.67 -21.02 -14.26
CA ILE C 99 -7.72 -22.03 -14.38
C ILE C 99 -9.02 -21.27 -14.67
N LYS C 100 -9.78 -21.69 -15.69
CA LYS C 100 -11.02 -21.00 -16.05
C LYS C 100 -12.06 -20.98 -14.95
N GLU C 101 -12.18 -22.10 -14.24
CA GLU C 101 -13.15 -22.22 -13.17
C GLU C 101 -12.90 -21.12 -12.13
N GLN C 102 -11.62 -20.82 -11.93
CA GLN C 102 -11.23 -19.79 -10.97
C GLN C 102 -9.74 -19.50 -11.01
N PHE C 103 -9.40 -18.27 -11.40
CA PHE C 103 -7.99 -17.88 -11.46
C PHE C 103 -7.37 -17.87 -10.07
N VAL C 104 -6.08 -18.16 -10.01
CA VAL C 104 -5.35 -18.17 -8.74
C VAL C 104 -3.97 -17.54 -8.91
N TYR C 105 -3.58 -16.75 -7.92
CA TYR C 105 -2.24 -16.16 -7.90
C TYR C 105 -1.85 -16.11 -6.45
N VAL C 106 -0.70 -16.69 -6.14
CA VAL C 106 -0.20 -16.76 -4.77
C VAL C 106 1.17 -16.12 -4.63
N PHE C 107 1.36 -15.38 -3.55
CA PHE C 107 2.65 -14.75 -3.27
C PHE C 107 3.27 -15.39 -2.04
N GLY C 108 4.60 -15.42 -2.03
CA GLY C 108 5.31 -15.96 -0.88
C GLY C 108 5.27 -14.89 0.19
N GLY C 109 5.77 -15.18 1.38
CA GLY C 109 5.76 -14.20 2.45
C GLY C 109 6.82 -13.13 2.37
N GLY C 110 7.76 -13.30 1.44
CA GLY C 110 8.81 -12.32 1.25
C GLY C 110 10.07 -12.60 2.07
N THR C 111 11.20 -12.12 1.57
CA THR C 111 12.48 -12.28 2.23
C THR C 111 13.16 -10.92 2.23
N LYS C 112 13.34 -10.35 3.42
CA LYS C 112 13.98 -9.04 3.52
C LYS C 112 15.50 -9.18 3.46
N VAL C 113 16.09 -8.57 2.44
CA VAL C 113 17.54 -8.60 2.26
C VAL C 113 18.16 -7.28 2.72
N THR C 114 19.08 -7.37 3.67
CA THR C 114 19.75 -6.20 4.19
C THR C 114 21.22 -6.23 3.77
N VAL C 115 21.72 -5.09 3.31
CA VAL C 115 23.12 -4.99 2.88
C VAL C 115 23.93 -4.16 3.86
N GLN D 1 6.02 4.51 -23.09
CA GLN D 1 6.35 4.18 -21.66
C GLN D 1 5.07 3.96 -20.85
N VAL D 2 4.99 2.78 -20.26
CA VAL D 2 3.83 2.39 -19.46
C VAL D 2 3.74 3.11 -18.11
N GLN D 3 2.59 3.72 -17.86
CA GLN D 3 2.36 4.41 -16.60
C GLN D 3 0.99 4.05 -16.06
N LEU D 4 0.91 3.81 -14.75
CA LEU D 4 -0.34 3.46 -14.09
C LEU D 4 -0.40 4.34 -12.84
N GLN D 5 -1.49 5.09 -12.68
CA GLN D 5 -1.60 5.96 -11.52
C GLN D 5 -2.91 5.78 -10.79
N GLU D 6 -2.84 5.21 -9.59
CA GLU D 6 -4.01 4.95 -8.76
C GLU D 6 -4.41 6.16 -7.92
N SER D 7 -5.69 6.21 -7.58
CA SER D 7 -6.22 7.28 -6.73
C SER D 7 -7.50 6.79 -6.07
N GLY D 8 -8.00 7.54 -5.09
CA GLY D 8 -9.23 7.15 -4.43
C GLY D 8 -9.11 6.61 -3.01
N GLY D 9 -7.89 6.30 -2.58
CA GLY D 9 -7.70 5.77 -1.24
C GLY D 9 -8.02 6.78 -0.15
N GLY D 10 -8.16 6.30 1.08
CA GLY D 10 -8.47 7.18 2.19
C GLY D 10 -8.90 6.41 3.42
N LEU D 11 -9.38 7.13 4.43
CA LEU D 11 -9.83 6.52 5.67
C LEU D 11 -11.31 6.16 5.57
N VAL D 12 -11.62 4.89 5.84
CA VAL D 12 -13.00 4.43 5.78
C VAL D 12 -13.40 3.59 7.00
N GLN D 13 -14.71 3.47 7.22
CA GLN D 13 -15.25 2.70 8.34
C GLN D 13 -15.55 1.27 7.95
N PRO D 14 -15.42 0.33 8.90
CA PRO D 14 -15.72 -1.07 8.58
C PRO D 14 -17.17 -1.09 8.10
N GLY D 15 -17.44 -1.90 7.07
CA GLY D 15 -18.77 -1.97 6.52
C GLY D 15 -19.01 -0.90 5.47
N GLY D 16 -18.09 0.05 5.39
CA GLY D 16 -18.21 1.13 4.43
C GLY D 16 -17.82 0.68 3.04
N SER D 17 -17.74 1.63 2.11
CA SER D 17 -17.35 1.32 0.75
C SER D 17 -16.64 2.50 0.11
N LEU D 18 -15.93 2.23 -0.99
CA LEU D 18 -15.23 3.28 -1.71
C LEU D 18 -14.78 2.71 -3.05
N LYS D 19 -14.50 3.60 -4.00
CA LYS D 19 -14.09 3.17 -5.32
C LYS D 19 -12.73 3.74 -5.70
N LEU D 20 -11.82 2.85 -6.10
CA LEU D 20 -10.48 3.25 -6.51
C LEU D 20 -10.44 3.35 -8.03
N SER D 21 -9.57 4.22 -8.53
CA SER D 21 -9.40 4.38 -9.96
C SER D 21 -7.92 4.25 -10.29
N CYS D 22 -7.63 3.90 -11.53
CA CYS D 22 -6.25 3.80 -11.99
C CYS D 22 -6.21 4.30 -13.42
N ALA D 23 -5.47 5.39 -13.63
CA ALA D 23 -5.34 5.99 -14.95
C ALA D 23 -4.15 5.35 -15.66
N ALA D 24 -4.43 4.73 -16.80
CA ALA D 24 -3.40 4.06 -17.57
C ALA D 24 -3.01 4.87 -18.81
N SER D 25 -1.73 4.80 -19.17
CA SER D 25 -1.22 5.50 -20.34
C SER D 25 0.08 4.84 -20.81
N GLY D 26 0.46 5.09 -22.05
CA GLY D 26 1.70 4.51 -22.53
C GLY D 26 1.55 3.17 -23.20
N PHE D 27 0.32 2.68 -23.31
CA PHE D 27 0.07 1.40 -23.96
C PHE D 27 -1.40 1.34 -24.39
N THR D 28 -1.74 0.38 -25.23
CA THR D 28 -3.11 0.23 -25.69
C THR D 28 -3.90 -0.50 -24.61
N PHE D 29 -4.53 0.29 -23.74
CA PHE D 29 -5.31 -0.23 -22.61
C PHE D 29 -6.23 -1.40 -22.94
N ARG D 30 -7.08 -1.24 -23.95
CA ARG D 30 -8.02 -2.29 -24.31
C ARG D 30 -7.40 -3.61 -24.78
N ASP D 31 -6.10 -3.63 -25.03
CA ASP D 31 -5.44 -4.85 -25.48
C ASP D 31 -4.94 -5.75 -24.36
N TYR D 32 -5.07 -5.31 -23.11
CA TYR D 32 -4.55 -6.10 -22.00
C TYR D 32 -5.48 -6.43 -20.85
N TYR D 33 -5.18 -7.56 -20.21
CA TYR D 33 -5.90 -7.98 -19.02
C TYR D 33 -5.36 -6.98 -17.99
N MET D 34 -6.17 -6.63 -17.00
CA MET D 34 -5.71 -5.70 -15.96
C MET D 34 -5.97 -6.31 -14.59
N TYR D 35 -5.20 -5.86 -13.60
CA TYR D 35 -5.29 -6.42 -12.25
C TYR D 35 -5.17 -5.40 -11.13
N TRP D 36 -5.57 -5.86 -9.95
CA TRP D 36 -5.41 -5.08 -8.73
C TRP D 36 -4.70 -6.05 -7.79
N VAL D 37 -3.70 -5.55 -7.07
CA VAL D 37 -2.94 -6.35 -6.12
C VAL D 37 -2.81 -5.44 -4.91
N ARG D 38 -2.79 -6.00 -3.71
CA ARG D 38 -2.67 -5.15 -2.53
C ARG D 38 -1.54 -5.60 -1.63
N GLN D 39 -1.05 -4.69 -0.81
CA GLN D 39 0.02 -5.02 0.12
C GLN D 39 -0.40 -4.57 1.52
N THR D 40 -0.48 -5.53 2.44
CA THR D 40 -0.89 -5.25 3.81
C THR D 40 0.19 -4.47 4.53
N PRO D 41 -0.18 -3.84 5.67
CA PRO D 41 0.80 -3.07 6.44
C PRO D 41 1.98 -3.96 6.85
N GLU D 42 1.76 -5.27 6.91
CA GLU D 42 2.80 -6.22 7.27
C GLU D 42 3.70 -6.51 6.06
N LYS D 43 3.41 -5.84 4.94
CA LYS D 43 4.18 -5.97 3.71
C LYS D 43 3.85 -7.20 2.85
N ARG D 44 2.80 -7.93 3.20
CA ARG D 44 2.44 -9.10 2.42
C ARG D 44 1.61 -8.75 1.20
N LEU D 45 1.98 -9.31 0.05
CA LEU D 45 1.28 -9.07 -1.21
C LEU D 45 0.17 -10.08 -1.43
N GLU D 46 -0.94 -9.62 -1.97
CA GLU D 46 -2.07 -10.49 -2.25
C GLU D 46 -2.79 -10.02 -3.50
N TRP D 47 -2.94 -10.91 -4.48
CA TRP D 47 -3.66 -10.58 -5.71
C TRP D 47 -5.13 -10.39 -5.32
N VAL D 48 -5.74 -9.34 -5.84
CA VAL D 48 -7.13 -8.99 -5.52
C VAL D 48 -8.17 -9.12 -6.64
N ALA D 49 -7.79 -8.82 -7.87
CA ALA D 49 -8.77 -8.89 -8.94
C ALA D 49 -8.16 -8.94 -10.33
N PHE D 50 -8.91 -9.54 -11.25
CA PHE D 50 -8.54 -9.68 -12.65
C PHE D 50 -9.72 -9.32 -13.54
N ILE D 51 -9.47 -8.67 -14.66
CA ILE D 51 -10.54 -8.36 -15.60
C ILE D 51 -9.99 -8.52 -17.02
N SER D 52 -10.78 -9.16 -17.89
CA SER D 52 -10.38 -9.38 -19.27
C SER D 52 -10.45 -8.07 -20.07
N ASN D 53 -9.98 -8.12 -21.32
CA ASN D 53 -9.96 -6.94 -22.19
C ASN D 53 -11.26 -6.15 -22.26
N GLY D 54 -12.36 -6.84 -22.57
CA GLY D 54 -13.65 -6.18 -22.69
C GLY D 54 -14.53 -6.18 -21.46
N GLY D 55 -14.04 -6.77 -20.37
CA GLY D 55 -14.81 -6.81 -19.13
C GLY D 55 -15.67 -8.04 -18.94
N GLY D 56 -15.71 -8.91 -19.94
CA GLY D 56 -16.53 -10.11 -19.87
C GLY D 56 -16.15 -11.17 -18.86
N SER D 57 -14.90 -11.17 -18.42
CA SER D 57 -14.45 -12.13 -17.42
C SER D 57 -13.78 -11.40 -16.27
N THR D 58 -14.17 -11.74 -15.05
CA THR D 58 -13.59 -11.15 -13.85
C THR D 58 -13.34 -12.29 -12.87
N TYR D 59 -12.24 -12.21 -12.13
CA TYR D 59 -11.89 -13.22 -11.14
C TYR D 59 -11.37 -12.56 -9.89
N TYR D 60 -11.62 -13.21 -8.75
CA TYR D 60 -11.20 -12.70 -7.46
C TYR D 60 -10.87 -13.86 -6.53
N PRO D 61 -9.99 -13.62 -5.54
CA PRO D 61 -9.64 -14.68 -4.60
C PRO D 61 -10.81 -14.74 -3.61
N ASP D 62 -10.93 -15.83 -2.86
CA ASP D 62 -12.02 -15.99 -1.90
C ASP D 62 -12.16 -14.87 -0.88
N THR D 63 -11.05 -14.25 -0.50
CA THR D 63 -11.05 -13.18 0.47
C THR D 63 -11.89 -11.95 0.12
N VAL D 64 -12.05 -11.67 -1.16
CA VAL D 64 -12.83 -10.49 -1.55
C VAL D 64 -13.99 -10.76 -2.49
N LYS D 65 -14.09 -12.00 -2.99
CA LYS D 65 -15.17 -12.35 -3.90
C LYS D 65 -16.52 -11.99 -3.28
N GLY D 66 -17.36 -11.29 -4.05
CA GLY D 66 -18.65 -10.91 -3.53
C GLY D 66 -18.69 -9.55 -2.86
N ARG D 67 -17.52 -8.99 -2.54
CA ARG D 67 -17.45 -7.67 -1.90
C ARG D 67 -16.78 -6.64 -2.82
N PHE D 68 -15.78 -7.08 -3.57
CA PHE D 68 -15.05 -6.20 -4.49
C PHE D 68 -15.50 -6.42 -5.93
N THR D 69 -15.49 -5.35 -6.73
CA THR D 69 -15.87 -5.46 -8.13
C THR D 69 -14.86 -4.69 -8.96
N ILE D 70 -14.23 -5.39 -9.91
CA ILE D 70 -13.28 -4.73 -10.78
C ILE D 70 -14.01 -4.37 -12.07
N SER D 71 -13.75 -3.19 -12.61
CA SER D 71 -14.37 -2.74 -13.85
C SER D 71 -13.40 -1.87 -14.63
N ARG D 72 -13.73 -1.56 -15.88
CA ARG D 72 -12.85 -0.74 -16.70
C ARG D 72 -13.61 0.09 -17.71
N ASP D 73 -13.03 1.21 -18.09
CA ASP D 73 -13.62 2.07 -19.10
C ASP D 73 -12.51 2.22 -20.14
N ASN D 74 -12.59 1.42 -21.19
CA ASN D 74 -11.56 1.45 -22.22
C ASN D 74 -11.45 2.77 -22.96
N ALA D 75 -12.56 3.46 -23.11
CA ALA D 75 -12.56 4.76 -23.78
C ALA D 75 -11.75 5.75 -22.96
N LYS D 76 -11.86 5.66 -21.64
CA LYS D 76 -11.15 6.56 -20.73
C LYS D 76 -9.83 6.03 -20.22
N ASN D 77 -9.45 4.83 -20.67
CA ASN D 77 -8.19 4.21 -20.24
C ASN D 77 -8.09 4.18 -18.72
N THR D 78 -9.17 3.77 -18.06
CA THR D 78 -9.18 3.73 -16.61
C THR D 78 -9.67 2.40 -16.06
N LEU D 79 -9.04 1.95 -14.98
CA LEU D 79 -9.41 0.70 -14.31
C LEU D 79 -10.00 1.13 -12.96
N TYR D 80 -10.97 0.36 -12.47
CA TYR D 80 -11.61 0.69 -11.20
C TYR D 80 -11.71 -0.52 -10.28
N LEU D 81 -11.82 -0.23 -8.97
CA LEU D 81 -12.01 -1.28 -7.97
C LEU D 81 -13.04 -0.74 -6.98
N GLN D 82 -14.24 -1.30 -7.02
CA GLN D 82 -15.30 -0.91 -6.11
C GLN D 82 -15.19 -1.83 -4.91
N MET D 83 -15.04 -1.25 -3.72
CA MET D 83 -14.90 -2.01 -2.50
C MET D 83 -16.12 -1.81 -1.60
N SER D 84 -16.75 -2.91 -1.20
CA SER D 84 -17.93 -2.85 -0.33
C SER D 84 -17.73 -3.69 0.92
N ARG D 85 -18.61 -3.49 1.90
CA ARG D 85 -18.56 -4.23 3.15
C ARG D 85 -17.13 -4.44 3.62
N LEU D 86 -16.41 -3.32 3.69
CA LEU D 86 -15.02 -3.31 4.09
C LEU D 86 -14.77 -3.89 5.48
N LYS D 87 -13.66 -4.62 5.59
CA LYS D 87 -13.23 -5.25 6.83
C LYS D 87 -11.88 -4.63 7.19
N SER D 88 -11.49 -4.72 8.46
CA SER D 88 -10.21 -4.18 8.87
C SER D 88 -9.07 -4.83 8.09
N GLU D 89 -9.29 -6.08 7.68
CA GLU D 89 -8.28 -6.83 6.92
C GLU D 89 -8.04 -6.24 5.53
N ASP D 90 -8.93 -5.36 5.07
CA ASP D 90 -8.78 -4.77 3.75
C ASP D 90 -7.81 -3.59 3.74
N THR D 91 -7.34 -3.20 4.93
CA THR D 91 -6.39 -2.09 5.01
C THR D 91 -5.12 -2.49 4.27
N ALA D 92 -4.71 -1.68 3.30
CA ALA D 92 -3.53 -1.98 2.52
C ALA D 92 -3.27 -0.93 1.44
N MET D 93 -2.12 -1.06 0.79
CA MET D 93 -1.75 -0.21 -0.33
C MET D 93 -2.30 -0.99 -1.52
N TYR D 94 -3.14 -0.35 -2.34
CA TYR D 94 -3.70 -1.03 -3.51
C TYR D 94 -3.00 -0.59 -4.78
N TYR D 95 -2.57 -1.58 -5.56
CA TYR D 95 -1.86 -1.34 -6.80
C TYR D 95 -2.59 -1.88 -8.02
N CYS D 96 -2.57 -1.14 -9.12
CA CYS D 96 -3.11 -1.68 -10.35
C CYS D 96 -1.89 -2.19 -11.07
N ALA D 97 -2.06 -3.22 -11.88
CA ALA D 97 -0.94 -3.80 -12.59
C ALA D 97 -1.36 -4.31 -13.96
N ARG D 98 -0.38 -4.42 -14.85
CA ARG D 98 -0.58 -4.91 -16.21
C ARG D 98 0.49 -5.95 -16.47
N GLY D 99 0.18 -6.95 -17.28
CA GLY D 99 1.16 -7.99 -17.55
C GLY D 99 1.94 -7.85 -18.85
N ARG D 100 2.78 -8.84 -19.11
CA ARG D 100 3.59 -8.88 -20.32
C ARG D 100 3.94 -10.36 -20.56
N GLY D 101 3.67 -10.86 -21.76
CA GLY D 101 3.95 -12.26 -22.03
C GLY D 101 2.99 -13.10 -21.20
N TYR D 102 3.53 -13.96 -20.34
CA TYR D 102 2.68 -14.79 -19.49
C TYR D 102 2.72 -14.28 -18.05
N VAL D 103 3.50 -13.22 -17.82
CA VAL D 103 3.63 -12.63 -16.50
C VAL D 103 2.45 -11.70 -16.21
N TRP D 104 1.77 -11.95 -15.10
CA TRP D 104 0.60 -11.16 -14.70
C TRP D 104 0.93 -9.72 -14.31
N PHE D 105 1.95 -9.56 -13.47
CA PHE D 105 2.31 -8.23 -12.96
C PHE D 105 3.68 -7.73 -13.43
N ALA D 106 3.75 -7.32 -14.70
CA ALA D 106 5.00 -6.81 -15.25
C ALA D 106 5.18 -5.33 -14.97
N TYR D 107 4.07 -4.60 -14.88
CA TYR D 107 4.07 -3.16 -14.62
C TYR D 107 3.15 -2.86 -13.45
N TRP D 108 3.62 -2.03 -12.52
CA TRP D 108 2.84 -1.68 -11.34
C TRP D 108 2.67 -0.16 -11.21
N GLY D 109 1.56 0.26 -10.61
CA GLY D 109 1.33 1.68 -10.40
C GLY D 109 2.07 2.10 -9.14
N GLN D 110 1.83 3.33 -8.67
CA GLN D 110 2.48 3.85 -7.48
C GLN D 110 1.74 3.46 -6.20
N GLY D 111 0.47 3.10 -6.35
CA GLY D 111 -0.34 2.68 -5.23
C GLY D 111 -1.15 3.75 -4.52
N THR D 112 -2.28 3.34 -3.96
CA THR D 112 -3.13 4.24 -3.19
C THR D 112 -3.54 3.47 -1.93
N THR D 113 -3.39 4.12 -0.78
CA THR D 113 -3.69 3.46 0.50
C THR D 113 -5.13 3.55 0.99
N VAL D 114 -5.68 2.40 1.37
CA VAL D 114 -7.02 2.33 1.91
C VAL D 114 -6.86 1.91 3.37
N THR D 115 -7.34 2.76 4.28
CA THR D 115 -7.21 2.50 5.70
C THR D 115 -8.59 2.32 6.32
N VAL D 116 -8.86 1.13 6.85
CA VAL D 116 -10.15 0.82 7.47
C VAL D 116 -10.03 0.96 8.99
N SER D 117 -10.86 1.81 9.57
CA SER D 117 -10.86 2.08 11.01
C SER D 117 -11.80 1.23 11.86
N SER D 118 -12.28 1.86 12.93
CA SER D 118 -13.19 1.26 13.90
C SER D 118 -12.92 -0.21 14.18
N MET E 1 -15.00 6.98 53.68
CA MET E 1 -15.61 5.66 53.34
C MET E 1 -14.89 5.05 52.14
N GLN E 2 -15.01 3.74 51.98
CA GLN E 2 -14.37 3.06 50.86
C GLN E 2 -15.01 3.46 49.54
N LEU E 3 -14.23 3.36 48.47
CA LEU E 3 -14.73 3.67 47.14
C LEU E 3 -15.48 2.42 46.69
N VAL E 4 -16.76 2.58 46.39
CA VAL E 4 -17.60 1.46 45.99
C VAL E 4 -18.56 1.83 44.85
N LEU E 5 -18.80 0.87 43.96
CA LEU E 5 -19.73 1.05 42.85
C LEU E 5 -20.82 0.00 42.99
N THR E 6 -22.07 0.44 42.95
CA THR E 6 -23.20 -0.47 43.07
C THR E 6 -24.04 -0.40 41.79
N GLN E 7 -24.31 -1.55 41.19
CA GLN E 7 -25.07 -1.57 39.94
C GLN E 7 -26.50 -2.11 40.03
N SER E 8 -27.34 -1.64 39.11
CA SER E 8 -28.73 -2.04 39.04
C SER E 8 -28.85 -3.53 38.70
N SER E 9 -29.99 -4.12 39.04
CA SER E 9 -30.23 -5.54 38.81
C SER E 9 -30.23 -5.95 37.34
N SER E 10 -29.79 -7.19 37.08
CA SER E 10 -29.76 -7.71 35.72
C SER E 10 -31.20 -7.70 35.21
N ALA E 11 -31.37 -7.37 33.94
CA ALA E 11 -32.72 -7.32 33.36
C ALA E 11 -32.76 -7.86 31.94
N SER E 12 -33.96 -7.90 31.39
CA SER E 12 -34.19 -8.38 30.04
C SER E 12 -35.01 -7.35 29.27
N PHE E 13 -34.67 -7.14 28.01
CA PHE E 13 -35.38 -6.16 27.19
C PHE E 13 -35.76 -6.76 25.85
N SER E 14 -36.89 -6.31 25.30
CA SER E 14 -37.35 -6.80 24.01
C SER E 14 -36.60 -6.09 22.90
N LEU E 15 -36.42 -6.77 21.78
CA LEU E 15 -35.71 -6.21 20.64
C LEU E 15 -36.29 -4.84 20.27
N GLY E 16 -35.43 -3.85 20.09
CA GLY E 16 -35.88 -2.52 19.73
C GLY E 16 -36.21 -1.58 20.87
N ALA E 17 -36.39 -2.11 22.07
CA ALA E 17 -36.71 -1.29 23.23
C ALA E 17 -35.51 -0.45 23.68
N SER E 18 -35.74 0.43 24.64
CA SER E 18 -34.69 1.27 25.19
C SER E 18 -34.33 0.80 26.59
N ALA E 19 -33.04 0.77 26.89
CA ALA E 19 -32.56 0.34 28.20
C ALA E 19 -31.77 1.43 28.90
N LYS E 20 -31.79 1.42 30.22
CA LYS E 20 -31.07 2.39 31.02
C LYS E 20 -30.52 1.71 32.25
N LEU E 21 -29.20 1.58 32.32
CA LEU E 21 -28.54 0.91 33.43
C LEU E 21 -27.99 1.94 34.42
N THR E 22 -27.95 1.57 35.70
CA THR E 22 -27.46 2.45 36.73
C THR E 22 -26.23 1.95 37.48
N CYS E 23 -25.27 2.85 37.66
CA CYS E 23 -24.05 2.55 38.41
C CYS E 23 -23.98 3.66 39.44
N THR E 24 -24.03 3.30 40.71
CA THR E 24 -24.01 4.29 41.78
C THR E 24 -22.70 4.37 42.55
N LEU E 25 -22.16 5.58 42.62
CA LEU E 25 -20.91 5.83 43.33
C LEU E 25 -21.16 6.05 44.81
N SER E 26 -20.19 5.66 45.63
CA SER E 26 -20.29 5.89 47.07
C SER E 26 -20.35 7.41 47.22
N SER E 27 -21.20 7.90 48.13
CA SER E 27 -21.40 9.34 48.33
C SER E 27 -20.16 10.22 48.40
N GLN E 28 -19.13 9.76 49.12
CA GLN E 28 -17.89 10.53 49.25
C GLN E 28 -17.22 10.75 47.89
N HIS E 29 -17.59 9.93 46.91
CA HIS E 29 -16.99 10.02 45.58
C HIS E 29 -18.01 10.30 44.49
N SER E 30 -19.11 10.95 44.85
CA SER E 30 -20.19 11.26 43.91
C SER E 30 -19.80 12.08 42.69
N THR E 31 -18.64 12.73 42.72
CA THR E 31 -18.21 13.56 41.59
C THR E 31 -17.27 12.83 40.62
N TYR E 32 -16.99 11.57 40.90
CA TYR E 32 -16.05 10.82 40.07
C TYR E 32 -16.48 10.46 38.65
N THR E 33 -15.49 10.37 37.77
CA THR E 33 -15.72 9.98 36.39
C THR E 33 -15.55 8.46 36.39
N ILE E 34 -16.47 7.76 35.75
CA ILE E 34 -16.38 6.30 35.69
C ILE E 34 -16.26 5.84 34.25
N GLU E 35 -16.00 4.55 34.08
CA GLU E 35 -15.90 3.93 32.77
C GLU E 35 -16.97 2.84 32.72
N TRP E 36 -17.51 2.62 31.52
CA TRP E 36 -18.49 1.57 31.32
C TRP E 36 -17.81 0.54 30.43
N TYR E 37 -17.96 -0.73 30.77
CA TYR E 37 -17.39 -1.81 29.98
C TYR E 37 -18.49 -2.77 29.61
N GLN E 38 -18.32 -3.40 28.46
CA GLN E 38 -19.29 -4.36 27.96
C GLN E 38 -18.59 -5.69 27.72
N GLN E 39 -19.16 -6.78 28.23
CA GLN E 39 -18.57 -8.08 27.98
C GLN E 39 -19.60 -9.03 27.40
N GLN E 40 -19.40 -9.39 26.14
CA GLN E 40 -20.29 -10.32 25.46
C GLN E 40 -19.79 -11.72 25.83
N PRO E 41 -20.66 -12.74 25.73
CA PRO E 41 -20.28 -14.12 26.05
C PRO E 41 -18.97 -14.59 25.44
N LEU E 42 -18.09 -15.12 26.28
CA LEU E 42 -16.79 -15.62 25.85
C LEU E 42 -15.96 -14.62 25.05
N LYS E 43 -15.97 -13.38 25.50
CA LYS E 43 -15.20 -12.33 24.87
C LYS E 43 -14.61 -11.47 25.97
N PRO E 44 -13.50 -10.79 25.68
CA PRO E 44 -12.87 -9.95 26.69
C PRO E 44 -13.72 -8.70 26.92
N PRO E 45 -13.62 -8.10 28.12
CA PRO E 45 -14.40 -6.89 28.38
C PRO E 45 -14.00 -5.85 27.34
N LYS E 46 -14.93 -4.98 26.99
CA LYS E 46 -14.68 -3.94 26.01
C LYS E 46 -15.01 -2.56 26.59
N TYR E 47 -14.11 -1.61 26.41
CA TYR E 47 -14.33 -0.25 26.90
C TYR E 47 -15.45 0.37 26.08
N VAL E 48 -16.47 0.87 26.77
CA VAL E 48 -17.62 1.47 26.09
C VAL E 48 -17.56 2.99 26.13
N MET E 49 -17.40 3.56 27.33
CA MET E 49 -17.33 5.01 27.44
C MET E 49 -16.81 5.49 28.79
N GLU E 50 -16.39 6.75 28.79
CA GLU E 50 -15.91 7.43 29.98
C GLU E 50 -17.02 8.42 30.28
N LEU E 51 -17.62 8.34 31.46
CA LEU E 51 -18.73 9.21 31.82
C LEU E 51 -18.42 10.10 33.02
N LYS E 52 -18.53 11.41 32.82
CA LYS E 52 -18.24 12.38 33.88
C LYS E 52 -19.47 12.75 34.70
N LYS E 53 -19.24 13.49 35.79
CA LYS E 53 -20.31 13.89 36.70
C LYS E 53 -21.38 14.78 36.08
N ASP E 54 -21.05 15.50 35.01
CA ASP E 54 -22.01 16.39 34.37
C ASP E 54 -22.76 15.70 33.23
N GLY E 55 -22.50 14.40 33.05
CA GLY E 55 -23.18 13.66 32.00
C GLY E 55 -22.41 13.60 30.69
N SER E 56 -21.36 14.40 30.56
CA SER E 56 -20.57 14.41 29.33
C SER E 56 -19.86 13.06 29.26
N HIS E 57 -19.71 12.54 28.05
CA HIS E 57 -19.06 11.25 27.86
C HIS E 57 -18.40 11.10 26.50
N SER E 58 -17.39 10.24 26.45
CA SER E 58 -16.68 9.96 25.21
C SER E 58 -16.73 8.45 25.08
N THR E 59 -17.13 7.96 23.91
CA THR E 59 -17.23 6.53 23.69
C THR E 59 -16.00 5.95 23.01
N GLY E 60 -15.78 4.65 23.20
CA GLY E 60 -14.64 4.00 22.60
C GLY E 60 -14.90 3.71 21.13
N ASP E 61 -13.85 3.30 20.43
CA ASP E 61 -13.95 2.99 19.00
C ASP E 61 -14.87 1.79 18.80
N GLY E 62 -15.77 1.88 17.84
CA GLY E 62 -16.67 0.78 17.56
C GLY E 62 -17.95 0.76 18.39
N ILE E 63 -18.25 1.87 19.05
CA ILE E 63 -19.45 1.96 19.87
C ILE E 63 -20.55 2.72 19.12
N PRO E 64 -21.68 2.07 18.85
CA PRO E 64 -22.82 2.67 18.15
C PRO E 64 -23.32 3.94 18.83
N ASP E 65 -24.00 4.81 18.08
CA ASP E 65 -24.51 6.06 18.64
C ASP E 65 -25.75 5.82 19.50
N ARG E 66 -26.21 4.57 19.52
CA ARG E 66 -27.38 4.20 20.32
C ARG E 66 -26.99 4.21 21.78
N PHE E 67 -25.69 4.09 22.04
CA PHE E 67 -25.15 4.08 23.39
C PHE E 67 -24.86 5.51 23.84
N SER E 68 -25.44 5.89 24.97
CA SER E 68 -25.23 7.23 25.51
C SER E 68 -25.16 7.14 27.02
N GLY E 69 -24.64 8.19 27.65
CA GLY E 69 -24.53 8.21 29.09
C GLY E 69 -25.07 9.50 29.66
N SER E 70 -25.34 9.50 30.96
CA SER E 70 -25.84 10.67 31.67
C SER E 70 -25.59 10.48 33.16
N SER E 71 -25.71 11.56 33.93
CA SER E 71 -25.48 11.47 35.35
C SER E 71 -26.50 12.23 36.19
N SER E 72 -26.55 11.88 37.47
CA SER E 72 -27.45 12.52 38.42
C SER E 72 -26.84 12.27 39.79
N GLY E 73 -26.17 13.29 40.31
CA GLY E 73 -25.53 13.13 41.60
C GLY E 73 -24.48 12.04 41.50
N ALA E 74 -24.54 11.06 42.40
CA ALA E 74 -23.60 9.95 42.41
C ALA E 74 -23.98 8.86 41.42
N ASP E 75 -25.13 9.01 40.75
CA ASP E 75 -25.58 8.02 39.80
C ASP E 75 -25.02 8.25 38.39
N ARG E 76 -24.59 7.17 37.76
CA ARG E 76 -24.03 7.21 36.41
C ARG E 76 -24.90 6.25 35.59
N TYR E 77 -25.45 6.74 34.48
CA TYR E 77 -26.32 5.92 33.66
C TYR E 77 -25.77 5.59 32.29
N LEU E 78 -26.06 4.38 31.84
CA LEU E 78 -25.68 3.94 30.50
C LEU E 78 -27.02 3.69 29.81
N SER E 79 -27.29 4.43 28.75
CA SER E 79 -28.54 4.27 28.02
C SER E 79 -28.30 3.64 26.67
N ILE E 80 -29.12 2.66 26.33
CA ILE E 80 -29.01 1.97 25.04
C ILE E 80 -30.35 2.06 24.33
N SER E 81 -30.38 2.78 23.22
CA SER E 81 -31.61 2.95 22.45
C SER E 81 -31.68 1.97 21.29
N ASN E 82 -32.90 1.56 20.95
CA ASN E 82 -33.12 0.63 19.87
C ASN E 82 -32.25 -0.60 20.08
N ILE E 83 -32.55 -1.34 21.14
CA ILE E 83 -31.83 -2.54 21.50
C ILE E 83 -31.64 -3.49 20.33
N GLN E 84 -30.45 -4.07 20.25
CA GLN E 84 -30.12 -5.03 19.21
C GLN E 84 -29.64 -6.31 19.89
N PRO E 85 -29.71 -7.45 19.19
CA PRO E 85 -29.29 -8.74 19.74
C PRO E 85 -27.86 -8.73 20.29
N GLU E 86 -26.95 -8.09 19.57
CA GLU E 86 -25.54 -8.02 19.96
C GLU E 86 -25.31 -7.25 21.27
N ASP E 87 -26.33 -6.55 21.75
CA ASP E 87 -26.18 -5.78 22.97
C ASP E 87 -26.27 -6.66 24.22
N GLU E 88 -26.72 -7.90 24.03
CA GLU E 88 -26.83 -8.81 25.16
C GLU E 88 -25.43 -8.95 25.74
N ALA E 89 -25.27 -8.58 27.01
CA ALA E 89 -23.96 -8.64 27.62
C ALA E 89 -24.03 -8.31 29.09
N ILE E 90 -22.86 -8.36 29.73
CA ILE E 90 -22.75 -7.99 31.12
C ILE E 90 -22.13 -6.61 31.02
N TYR E 91 -22.75 -5.62 31.63
CA TYR E 91 -22.22 -4.27 31.60
C TYR E 91 -21.64 -4.00 32.97
N ILE E 92 -20.38 -3.63 33.01
CA ILE E 92 -19.70 -3.38 34.27
C ILE E 92 -19.14 -1.97 34.31
N CYS E 93 -19.30 -1.29 35.44
CA CYS E 93 -18.73 0.04 35.56
C CYS E 93 -17.47 -0.05 36.40
N GLY E 94 -16.58 0.91 36.20
CA GLY E 94 -15.33 0.92 36.94
C GLY E 94 -14.94 2.34 37.26
N VAL E 95 -14.14 2.51 38.31
CA VAL E 95 -13.71 3.84 38.70
C VAL E 95 -12.30 3.77 39.26
N GLY E 96 -11.46 4.70 38.82
CA GLY E 96 -10.08 4.73 39.29
C GLY E 96 -9.77 5.97 40.09
N ASP E 97 -8.70 5.88 40.88
CA ASP E 97 -8.26 6.97 41.73
C ASP E 97 -6.75 6.79 41.82
N THR E 98 -6.02 7.56 41.00
CA THR E 98 -4.56 7.47 40.97
C THR E 98 -3.88 8.22 42.11
N ILE E 99 -4.28 7.89 43.33
CA ILE E 99 -3.70 8.49 44.52
C ILE E 99 -2.25 8.07 44.57
N LYS E 100 -1.34 9.05 44.62
CA LYS E 100 0.09 8.78 44.64
C LYS E 100 0.53 7.74 45.66
N GLU E 101 -0.01 7.81 46.87
CA GLU E 101 0.35 6.86 47.91
C GLU E 101 -0.05 5.44 47.54
N GLN E 102 -1.22 5.30 46.94
CA GLN E 102 -1.72 3.98 46.56
C GLN E 102 -2.85 4.07 45.54
N PHE E 103 -2.61 3.53 44.35
CA PHE E 103 -3.65 3.54 43.33
C PHE E 103 -4.79 2.63 43.76
N VAL E 104 -5.99 2.97 43.28
CA VAL E 104 -7.18 2.19 43.60
C VAL E 104 -8.06 2.15 42.37
N TYR E 105 -8.62 0.99 42.08
CA TYR E 105 -9.54 0.87 40.96
C TYR E 105 -10.59 -0.12 41.43
N VAL E 106 -11.85 0.29 41.32
CA VAL E 106 -12.97 -0.54 41.77
C VAL E 106 -13.96 -0.81 40.64
N PHE E 107 -14.44 -2.04 40.58
CA PHE E 107 -15.42 -2.44 39.59
C PHE E 107 -16.76 -2.70 40.27
N GLY E 108 -17.85 -2.47 39.57
CA GLY E 108 -19.16 -2.74 40.11
C GLY E 108 -19.37 -4.24 39.95
N GLY E 109 -20.51 -4.77 40.40
CA GLY E 109 -20.76 -6.19 40.29
C GLY E 109 -21.23 -6.65 38.93
N GLY E 110 -21.52 -5.69 38.06
CA GLY E 110 -21.97 -6.01 36.72
C GLY E 110 -23.47 -6.21 36.64
N THR E 111 -24.05 -5.82 35.52
CA THR E 111 -25.48 -5.97 35.28
C THR E 111 -25.64 -6.78 33.99
N LYS E 112 -26.25 -7.95 34.11
CA LYS E 112 -26.44 -8.80 32.94
C LYS E 112 -27.68 -8.36 32.17
N VAL E 113 -27.47 -7.94 30.93
CA VAL E 113 -28.58 -7.50 30.09
C VAL E 113 -28.96 -8.58 29.09
N THR E 114 -30.21 -9.05 29.19
CA THR E 114 -30.71 -10.08 28.30
C THR E 114 -31.63 -9.45 27.26
N VAL E 115 -31.47 -9.85 26.00
CA VAL E 115 -32.29 -9.31 24.93
C VAL E 115 -33.25 -10.36 24.39
N GLN F 1 -3.51 -2.46 14.38
CA GLN F 1 -4.36 -2.25 15.59
C GLN F 1 -3.68 -2.82 16.82
N VAL F 2 -4.08 -2.32 17.99
CA VAL F 2 -3.52 -2.76 19.25
C VAL F 2 -3.83 -4.22 19.55
N GLN F 3 -2.80 -5.00 19.87
CA GLN F 3 -2.97 -6.41 20.20
C GLN F 3 -2.23 -6.75 21.49
N LEU F 4 -2.89 -7.52 22.35
CA LEU F 4 -2.33 -7.97 23.61
C LEU F 4 -2.65 -9.46 23.67
N GLN F 5 -1.64 -10.30 23.88
CA GLN F 5 -1.87 -11.74 23.95
C GLN F 5 -1.20 -12.34 25.18
N GLU F 6 -2.01 -12.79 26.12
CA GLU F 6 -1.51 -13.39 27.34
C GLU F 6 -1.23 -14.88 27.17
N SER F 7 -0.36 -15.42 28.02
CA SER F 7 -0.03 -16.83 27.99
C SER F 7 0.52 -17.19 29.37
N GLY F 8 0.58 -18.49 29.66
CA GLY F 8 1.13 -18.93 30.93
C GLY F 8 0.15 -19.56 31.90
N GLY F 9 -1.14 -19.42 31.63
CA GLY F 9 -2.14 -20.01 32.52
C GLY F 9 -2.13 -21.52 32.55
N GLY F 10 -2.84 -22.09 33.51
CA GLY F 10 -2.91 -23.54 33.60
C GLY F 10 -3.43 -23.98 34.96
N LEU F 11 -3.39 -25.29 35.20
CA LEU F 11 -3.87 -25.85 36.46
C LEU F 11 -2.72 -25.89 37.46
N VAL F 12 -2.93 -25.27 38.62
CA VAL F 12 -1.89 -25.23 39.66
C VAL F 12 -2.44 -25.62 41.02
N GLN F 13 -1.55 -25.83 41.97
CA GLN F 13 -1.90 -26.21 43.34
C GLN F 13 -1.85 -25.04 44.30
N PRO F 14 -2.66 -25.09 45.38
CA PRO F 14 -2.59 -23.96 46.31
C PRO F 14 -1.16 -23.95 46.84
N GLY F 15 -0.63 -22.75 47.09
CA GLY F 15 0.74 -22.65 47.57
C GLY F 15 1.74 -22.67 46.43
N GLY F 16 1.27 -23.02 45.23
CA GLY F 16 2.15 -23.07 44.07
C GLY F 16 2.37 -21.70 43.45
N SER F 17 3.03 -21.67 42.30
CA SER F 17 3.30 -20.41 41.63
C SER F 17 3.49 -20.58 40.13
N LEU F 18 3.40 -19.48 39.40
CA LEU F 18 3.58 -19.50 37.96
C LEU F 18 3.74 -18.06 37.51
N LYS F 19 4.22 -17.87 36.28
CA LYS F 19 4.42 -16.53 35.77
C LYS F 19 3.66 -16.37 34.45
N LEU F 20 2.89 -15.30 34.35
CA LEU F 20 2.12 -15.04 33.14
C LEU F 20 2.87 -14.04 32.28
N SER F 21 2.62 -14.10 30.98
CA SER F 21 3.26 -13.18 30.03
C SER F 21 2.17 -12.58 29.17
N CYS F 22 2.46 -11.41 28.61
CA CYS F 22 1.53 -10.72 27.73
C CYS F 22 2.37 -10.05 26.65
N ALA F 23 2.23 -10.57 25.42
CA ALA F 23 2.97 -10.03 24.28
C ALA F 23 2.17 -8.88 23.66
N ALA F 24 2.80 -7.71 23.60
CA ALA F 24 2.14 -6.54 23.06
C ALA F 24 2.65 -6.21 21.66
N SER F 25 1.76 -5.65 20.84
CA SER F 25 2.11 -5.25 19.47
C SER F 25 1.08 -4.24 18.98
N GLY F 26 1.45 -3.47 17.96
CA GLY F 26 0.53 -2.50 17.41
C GLY F 26 0.58 -1.10 18.04
N PHE F 27 1.44 -0.91 19.03
CA PHE F 27 1.58 0.38 19.69
C PHE F 27 2.97 0.47 20.30
N THR F 28 3.37 1.67 20.70
CA THR F 28 4.70 1.86 21.28
C THR F 28 4.61 1.47 22.76
N PHE F 29 4.94 0.21 23.02
CA PHE F 29 4.86 -0.36 24.36
C PHE F 29 5.46 0.48 25.48
N ARG F 30 6.69 0.97 25.28
CA ARG F 30 7.37 1.77 26.30
C ARG F 30 6.71 3.10 26.64
N ASP F 31 5.69 3.49 25.87
CA ASP F 31 5.01 4.76 26.11
C ASP F 31 3.77 4.67 27.00
N TYR F 32 3.35 3.45 27.34
CA TYR F 32 2.12 3.31 28.12
C TYR F 32 2.15 2.57 29.44
N TYR F 33 1.24 2.97 30.31
CA TYR F 33 1.06 2.30 31.60
C TYR F 33 0.41 0.97 31.22
N MET F 34 0.76 -0.10 31.94
CA MET F 34 0.18 -1.42 31.66
C MET F 34 -0.43 -1.99 32.93
N TYR F 35 -1.39 -2.89 32.76
CA TYR F 35 -2.10 -3.46 33.90
C TYR F 35 -2.47 -4.92 33.75
N TRP F 36 -2.83 -5.52 34.89
CA TRP F 36 -3.35 -6.88 34.91
C TRP F 36 -4.68 -6.72 35.64
N VAL F 37 -5.72 -7.34 35.11
CA VAL F 37 -7.06 -7.30 35.69
C VAL F 37 -7.54 -8.75 35.59
N ARG F 38 -8.20 -9.25 36.62
CA ARG F 38 -8.68 -10.62 36.55
C ARG F 38 -10.20 -10.68 36.68
N GLN F 39 -10.77 -11.78 36.20
CA GLN F 39 -12.21 -11.99 36.29
C GLN F 39 -12.44 -13.34 36.95
N THR F 40 -13.11 -13.33 38.09
CA THR F 40 -13.38 -14.55 38.82
C THR F 40 -14.45 -15.37 38.11
N PRO F 41 -14.59 -16.65 38.47
CA PRO F 41 -15.59 -17.50 37.83
C PRO F 41 -17.01 -16.92 37.92
N GLU F 42 -17.24 -16.09 38.94
CA GLU F 42 -18.54 -15.46 39.16
C GLU F 42 -18.73 -14.23 38.28
N LYS F 43 -17.76 -14.00 37.39
CA LYS F 43 -17.77 -12.89 36.44
C LYS F 43 -17.37 -11.53 37.02
N ARG F 44 -16.87 -11.52 38.25
CA ARG F 44 -16.48 -10.26 38.87
C ARG F 44 -15.08 -9.83 38.46
N LEU F 45 -14.96 -8.58 38.03
CA LEU F 45 -13.68 -8.03 37.61
C LEU F 45 -12.94 -7.41 38.78
N GLU F 46 -11.63 -7.57 38.82
CA GLU F 46 -10.82 -7.00 39.89
C GLU F 46 -9.47 -6.58 39.36
N TRP F 47 -9.13 -5.30 39.54
CA TRP F 47 -7.83 -4.82 39.11
C TRP F 47 -6.78 -5.43 40.04
N VAL F 48 -5.69 -5.98 39.49
CA VAL F 48 -4.68 -6.57 40.36
C VAL F 48 -3.27 -6.00 40.29
N ALA F 49 -2.93 -5.25 39.24
CA ALA F 49 -1.58 -4.70 39.19
C ALA F 49 -1.39 -3.60 38.17
N PHE F 50 -0.51 -2.66 38.49
CA PHE F 50 -0.20 -1.52 37.62
C PHE F 50 1.31 -1.34 37.51
N ILE F 51 1.78 -0.99 36.33
CA ILE F 51 3.20 -0.69 36.18
C ILE F 51 3.31 0.50 35.21
N SER F 52 4.13 1.48 35.57
CA SER F 52 4.31 2.67 34.72
C SER F 52 5.06 2.31 33.43
N ASN F 53 5.07 3.23 32.48
CA ASN F 53 5.69 2.95 31.19
C ASN F 53 7.15 2.50 31.18
N GLY F 54 7.97 3.07 32.05
CA GLY F 54 9.37 2.69 32.12
C GLY F 54 9.62 1.66 33.20
N GLY F 55 8.56 1.19 33.84
CA GLY F 55 8.67 0.21 34.90
C GLY F 55 9.07 0.81 36.24
N GLY F 56 9.15 2.14 36.29
CA GLY F 56 9.57 2.82 37.52
C GLY F 56 8.66 2.71 38.73
N SER F 57 7.36 2.62 38.51
CA SER F 57 6.41 2.52 39.63
C SER F 57 5.43 1.37 39.43
N THR F 58 5.04 0.76 40.53
CA THR F 58 4.06 -0.34 40.53
C THR F 58 3.11 -0.17 41.71
N TYR F 59 1.89 -0.65 41.57
CA TYR F 59 0.87 -0.60 42.62
C TYR F 59 0.04 -1.88 42.55
N TYR F 60 -0.48 -2.31 43.69
CA TYR F 60 -1.30 -3.52 43.78
C TYR F 60 -2.36 -3.33 44.85
N PRO F 61 -3.51 -4.02 44.71
CA PRO F 61 -4.56 -3.92 45.73
C PRO F 61 -4.06 -4.80 46.89
N ASP F 62 -4.62 -4.62 48.08
CA ASP F 62 -4.18 -5.43 49.23
C ASP F 62 -4.34 -6.93 49.07
N THR F 63 -5.33 -7.34 48.29
CA THR F 63 -5.60 -8.76 48.08
C THR F 63 -4.43 -9.55 47.49
N VAL F 64 -3.59 -8.90 46.70
CA VAL F 64 -2.46 -9.60 46.08
C VAL F 64 -1.10 -9.00 46.35
N LYS F 65 -1.07 -7.84 47.00
CA LYS F 65 0.19 -7.18 47.31
C LYS F 65 0.99 -8.15 48.18
N GLY F 66 2.25 -8.35 47.85
CA GLY F 66 3.06 -9.26 48.63
C GLY F 66 3.03 -10.68 48.08
N ARG F 67 2.18 -10.90 47.08
CA ARG F 67 2.04 -12.22 46.46
C ARG F 67 2.31 -12.18 44.94
N PHE F 68 1.81 -11.13 44.30
CA PHE F 68 1.99 -10.97 42.85
C PHE F 68 3.01 -9.87 42.57
N THR F 69 3.77 -10.04 41.50
CA THR F 69 4.75 -9.02 41.12
C THR F 69 4.61 -8.74 39.63
N ILE F 70 4.35 -7.48 39.28
CA ILE F 70 4.22 -7.10 37.88
C ILE F 70 5.57 -6.55 37.40
N SER F 71 5.95 -6.88 36.17
CA SER F 71 7.20 -6.41 35.62
C SER F 71 7.05 -6.29 34.12
N ARG F 72 8.02 -5.66 33.47
CA ARG F 72 7.95 -5.51 32.02
C ARG F 72 9.35 -5.45 31.40
N ASP F 73 9.46 -5.98 30.19
CA ASP F 73 10.72 -5.94 29.47
C ASP F 73 10.37 -5.14 28.23
N ASN F 74 10.66 -3.84 28.24
CA ASN F 74 10.30 -3.00 27.12
C ASN F 74 10.97 -3.40 25.81
N ALA F 75 12.20 -3.88 25.87
CA ALA F 75 12.90 -4.30 24.65
C ALA F 75 12.13 -5.45 23.97
N LYS F 76 11.54 -6.33 24.79
CA LYS F 76 10.78 -7.47 24.26
C LYS F 76 9.29 -7.21 24.11
N ASN F 77 8.85 -6.00 24.44
CA ASN F 77 7.43 -5.65 24.33
C ASN F 77 6.59 -6.69 25.06
N THR F 78 7.01 -7.03 26.28
CA THR F 78 6.27 -8.03 27.03
C THR F 78 6.03 -7.59 28.47
N LEU F 79 4.83 -7.90 28.96
CA LEU F 79 4.42 -7.59 30.34
C LEU F 79 4.34 -8.94 31.05
N TYR F 80 4.67 -8.95 32.35
CA TYR F 80 4.64 -10.21 33.11
C TYR F 80 3.93 -10.06 34.44
N LEU F 81 3.47 -11.19 34.97
CA LEU F 81 2.85 -11.21 36.30
C LEU F 81 3.35 -12.48 37.00
N GLN F 82 4.20 -12.31 38.00
CA GLN F 82 4.71 -13.45 38.76
C GLN F 82 3.68 -13.66 39.87
N MET F 83 3.12 -14.87 39.92
CA MET F 83 2.09 -15.21 40.90
C MET F 83 2.57 -16.29 41.86
N SER F 84 2.83 -15.91 43.11
CA SER F 84 3.33 -16.87 44.09
C SER F 84 2.38 -17.06 45.27
N ARG F 85 2.57 -18.15 46.02
CA ARG F 85 1.74 -18.46 47.17
C ARG F 85 0.28 -18.38 46.77
N LEU F 86 -0.06 -19.12 45.71
CA LEU F 86 -1.42 -19.11 45.19
C LEU F 86 -2.46 -19.63 46.16
N LYS F 87 -3.65 -19.03 46.07
CA LYS F 87 -4.79 -19.40 46.89
C LYS F 87 -5.89 -19.80 45.92
N SER F 88 -6.82 -20.63 46.36
CA SER F 88 -7.91 -21.04 45.49
C SER F 88 -8.62 -19.79 44.99
N GLU F 89 -8.62 -18.76 45.82
CA GLU F 89 -9.24 -17.47 45.53
C GLU F 89 -8.66 -16.77 44.30
N ASP F 90 -7.46 -17.19 43.89
CA ASP F 90 -6.81 -16.58 42.74
C ASP F 90 -7.29 -17.15 41.42
N THR F 91 -8.12 -18.18 41.47
CA THR F 91 -8.64 -18.79 40.24
C THR F 91 -9.42 -17.74 39.45
N ALA F 92 -9.01 -17.50 38.21
CA ALA F 92 -9.66 -16.49 37.40
C ALA F 92 -9.06 -16.39 36.01
N MET F 93 -9.70 -15.60 35.16
CA MET F 93 -9.19 -15.34 33.83
C MET F 93 -8.34 -14.08 34.04
N TYR F 94 -7.07 -14.13 33.66
CA TYR F 94 -6.20 -12.97 33.81
C TYR F 94 -6.02 -12.24 32.49
N TYR F 95 -6.30 -10.94 32.52
CA TYR F 95 -6.18 -10.07 31.36
C TYR F 95 -5.11 -9.00 31.52
N CYS F 96 -4.38 -8.73 30.44
CA CYS F 96 -3.46 -7.61 30.51
C CYS F 96 -4.24 -6.52 29.81
N ALA F 97 -3.97 -5.28 30.15
CA ALA F 97 -4.71 -4.17 29.56
C ALA F 97 -3.81 -2.96 29.43
N ARG F 98 -4.18 -2.07 28.52
CA ARG F 98 -3.42 -0.84 28.27
C ARG F 98 -4.39 0.34 28.34
N GLY F 99 -3.91 1.48 28.81
CA GLY F 99 -4.78 2.64 28.91
C GLY F 99 -4.71 3.59 27.74
N ARG F 100 -5.53 4.64 27.80
CA ARG F 100 -5.60 5.66 26.76
C ARG F 100 -6.28 6.89 27.35
N GLY F 101 -5.67 8.05 27.14
CA GLY F 101 -6.24 9.26 27.71
C GLY F 101 -6.09 9.11 29.20
N TYR F 102 -7.21 9.18 29.94
CA TYR F 102 -7.15 8.99 31.39
C TYR F 102 -7.80 7.66 31.76
N VAL F 103 -8.19 6.91 30.74
CA VAL F 103 -8.83 5.61 30.95
C VAL F 103 -7.77 4.53 31.15
N TRP F 104 -7.90 3.79 32.25
CA TRP F 104 -6.95 2.74 32.57
C TRP F 104 -7.00 1.54 31.63
N PHE F 105 -8.20 1.01 31.44
CA PHE F 105 -8.36 -0.19 30.62
C PHE F 105 -9.06 0.04 29.28
N ALA F 106 -8.37 0.72 28.37
CA ALA F 106 -8.93 1.03 27.06
C ALA F 106 -8.79 -0.14 26.09
N TYR F 107 -7.76 -0.95 26.28
CA TYR F 107 -7.52 -2.12 25.44
C TYR F 107 -7.28 -3.33 26.33
N TRP F 108 -7.88 -4.47 25.95
CA TRP F 108 -7.74 -5.69 26.74
C TRP F 108 -7.23 -6.85 25.89
N GLY F 109 -6.52 -7.79 26.52
CA GLY F 109 -6.02 -8.96 25.82
C GLY F 109 -7.12 -10.02 25.74
N GLN F 110 -6.76 -11.22 25.28
CA GLN F 110 -7.73 -12.31 25.15
C GLN F 110 -7.92 -13.05 26.47
N GLY F 111 -6.94 -12.93 27.35
CA GLY F 111 -7.01 -13.57 28.64
C GLY F 111 -6.41 -14.96 28.73
N THR F 112 -5.92 -15.32 29.92
CA THR F 112 -5.37 -16.65 30.16
C THR F 112 -5.87 -17.09 31.54
N THR F 113 -6.42 -18.29 31.61
CA THR F 113 -6.99 -18.80 32.86
C THR F 113 -6.03 -19.51 33.80
N VAL F 114 -6.05 -19.09 35.06
CA VAL F 114 -5.24 -19.73 36.08
C VAL F 114 -6.23 -20.43 36.98
N THR F 115 -6.06 -21.74 37.13
CA THR F 115 -6.95 -22.54 37.97
C THR F 115 -6.20 -23.13 39.15
N VAL F 116 -6.59 -22.75 40.36
CA VAL F 116 -5.95 -23.25 41.58
C VAL F 116 -6.82 -24.31 42.27
N SER F 117 -6.26 -25.52 42.43
CA SER F 117 -6.96 -26.65 43.06
C SER F 117 -7.52 -26.32 44.45
N SER F 118 -7.80 -27.37 45.21
CA SER F 118 -8.33 -27.24 46.57
C SER F 118 -9.49 -26.25 46.58
N MET G 1 3.51 -26.53 -30.68
CA MET G 1 3.99 -25.44 -29.79
C MET G 1 4.47 -24.26 -30.64
N GLN G 2 4.52 -23.09 -30.03
CA GLN G 2 4.96 -21.88 -30.72
C GLN G 2 6.47 -21.86 -30.92
N LEU G 3 6.92 -21.28 -32.02
CA LEU G 3 8.34 -21.18 -32.30
C LEU G 3 8.84 -20.09 -31.36
N VAL G 4 9.71 -20.48 -30.43
CA VAL G 4 10.24 -19.56 -29.45
C VAL G 4 11.75 -19.67 -29.31
N LEU G 5 12.42 -18.55 -29.08
CA LEU G 5 13.87 -18.53 -28.88
C LEU G 5 14.14 -17.99 -27.48
N THR G 6 14.85 -18.77 -26.67
CA THR G 6 15.17 -18.38 -25.30
C THR G 6 16.68 -18.17 -25.21
N GLN G 7 17.09 -17.01 -24.73
CA GLN G 7 18.52 -16.70 -24.62
C GLN G 7 19.06 -16.70 -23.20
N SER G 8 20.37 -16.94 -23.09
CA SER G 8 21.04 -16.96 -21.80
C SER G 8 21.11 -15.56 -21.21
N SER G 9 21.31 -15.46 -19.90
CA SER G 9 21.35 -14.18 -19.22
C SER G 9 22.55 -13.29 -19.57
N SER G 10 22.32 -11.98 -19.50
CA SER G 10 23.37 -11.01 -19.79
C SER G 10 24.49 -11.17 -18.77
N ALA G 11 25.70 -10.79 -19.16
CA ALA G 11 26.84 -10.92 -18.26
C ALA G 11 27.98 -9.98 -18.63
N SER G 12 28.91 -9.80 -17.70
CA SER G 12 30.06 -8.94 -17.92
C SER G 12 31.32 -9.80 -18.03
N PHE G 13 32.24 -9.38 -18.88
CA PHE G 13 33.48 -10.11 -19.08
C PHE G 13 34.70 -9.20 -19.05
N SER G 14 35.84 -9.77 -18.66
CA SER G 14 37.08 -9.01 -18.61
C SER G 14 37.70 -9.04 -20.00
N LEU G 15 38.51 -8.03 -20.31
CA LEU G 15 39.17 -7.95 -21.60
C LEU G 15 40.08 -9.17 -21.80
N GLY G 16 40.01 -9.76 -23.00
CA GLY G 16 40.84 -10.92 -23.29
C GLY G 16 40.20 -12.24 -22.89
N ALA G 17 39.13 -12.17 -22.10
CA ALA G 17 38.43 -13.37 -21.67
C ALA G 17 37.59 -13.95 -22.80
N SER G 18 36.94 -15.07 -22.53
CA SER G 18 36.10 -15.73 -23.52
C SER G 18 34.66 -15.84 -23.05
N ALA G 19 33.72 -15.73 -23.99
CA ALA G 19 32.32 -15.82 -23.64
C ALA G 19 31.61 -16.83 -24.53
N LYS G 20 30.52 -17.39 -24.00
CA LYS G 20 29.72 -18.35 -24.75
C LYS G 20 28.26 -18.06 -24.46
N LEU G 21 27.57 -17.58 -25.48
CA LEU G 21 26.15 -17.24 -25.37
C LEU G 21 25.31 -18.40 -25.89
N THR G 22 24.14 -18.59 -25.28
CA THR G 22 23.25 -19.67 -25.70
C THR G 22 21.87 -19.16 -26.13
N CYS G 23 21.34 -19.77 -27.18
CA CYS G 23 20.03 -19.45 -27.72
C CYS G 23 19.39 -20.81 -27.92
N THR G 24 18.33 -21.09 -27.16
CA THR G 24 17.66 -22.38 -27.24
C THR G 24 16.35 -22.33 -28.02
N LEU G 25 16.21 -23.23 -28.99
CA LEU G 25 15.01 -23.33 -29.80
C LEU G 25 13.96 -24.16 -29.09
N SER G 26 12.69 -23.87 -29.39
CA SER G 26 11.60 -24.65 -28.81
C SER G 26 11.81 -26.08 -29.32
N SER G 27 11.60 -27.07 -28.45
CA SER G 27 11.82 -28.47 -28.81
C SER G 27 11.29 -28.89 -30.19
N GLN G 28 10.09 -28.44 -30.52
CA GLN G 28 9.48 -28.78 -31.80
C GLN G 28 10.30 -28.33 -33.01
N HIS G 29 11.12 -27.31 -32.82
CA HIS G 29 11.94 -26.79 -33.91
C HIS G 29 13.44 -26.91 -33.63
N SER G 30 13.83 -27.93 -32.87
CA SER G 30 15.22 -28.14 -32.49
C SER G 30 16.20 -28.31 -33.64
N THR G 31 15.71 -28.54 -34.84
CA THR G 31 16.58 -28.74 -36.00
C THR G 31 16.78 -27.47 -36.83
N TYR G 32 16.10 -26.40 -36.43
CA TYR G 32 16.17 -25.12 -37.16
C TYR G 32 17.50 -24.40 -37.22
N THR G 33 17.71 -23.70 -38.33
CA THR G 33 18.90 -22.89 -38.55
C THR G 33 18.55 -21.50 -38.05
N ILE G 34 19.45 -20.89 -37.30
CA ILE G 34 19.20 -19.55 -36.77
C ILE G 34 20.26 -18.56 -37.23
N GLU G 35 20.05 -17.30 -36.86
CA GLU G 35 21.00 -16.27 -37.19
C GLU G 35 21.34 -15.54 -35.90
N TRP G 36 22.57 -15.05 -35.82
CA TRP G 36 22.99 -14.28 -34.67
C TRP G 36 23.17 -12.86 -35.16
N TYR G 37 22.68 -11.90 -34.37
CA TYR G 37 22.82 -10.49 -34.72
C TYR G 37 23.52 -9.79 -33.56
N GLN G 38 24.26 -8.74 -33.89
CA GLN G 38 24.98 -7.96 -32.89
C GLN G 38 24.57 -6.51 -33.00
N GLN G 39 24.32 -5.86 -31.87
CA GLN G 39 23.98 -4.45 -31.93
C GLN G 39 24.75 -3.61 -30.93
N GLN G 40 25.63 -2.77 -31.46
CA GLN G 40 26.45 -1.87 -30.67
C GLN G 40 25.67 -0.57 -30.54
N PRO G 41 25.97 0.23 -29.51
CA PRO G 41 25.30 1.51 -29.26
C PRO G 41 25.12 2.43 -30.48
N LEU G 42 23.90 2.93 -30.63
CA LEU G 42 23.53 3.84 -31.71
C LEU G 42 23.86 3.32 -33.10
N LYS G 43 23.92 2.01 -33.25
CA LYS G 43 24.21 1.42 -34.54
C LYS G 43 23.12 0.43 -34.92
N PRO G 44 22.93 0.22 -36.23
CA PRO G 44 21.92 -0.72 -36.70
C PRO G 44 22.33 -2.15 -36.35
N PRO G 45 21.36 -3.04 -36.10
CA PRO G 45 21.73 -4.41 -35.77
C PRO G 45 22.59 -4.91 -36.93
N LYS G 46 23.51 -5.83 -36.64
CA LYS G 46 24.40 -6.37 -37.68
C LYS G 46 24.34 -7.90 -37.73
N TYR G 47 24.25 -8.44 -38.94
CA TYR G 47 24.21 -9.88 -39.14
C TYR G 47 25.58 -10.46 -38.80
N VAL G 48 25.63 -11.39 -37.86
CA VAL G 48 26.89 -12.01 -37.45
C VAL G 48 27.13 -13.33 -38.16
N MET G 49 26.15 -14.22 -38.13
CA MET G 49 26.31 -15.51 -38.79
C MET G 49 25.02 -16.33 -38.85
N GLU G 50 25.02 -17.27 -39.79
CA GLU G 50 23.91 -18.20 -39.97
C GLU G 50 24.46 -19.47 -39.33
N LEU G 51 23.72 -20.05 -38.40
CA LEU G 51 24.16 -21.26 -37.70
C LEU G 51 23.19 -22.44 -37.84
N LYS G 52 23.67 -23.54 -38.42
CA LYS G 52 22.85 -24.72 -38.62
C LYS G 52 22.89 -25.71 -37.46
N LYS G 53 21.97 -26.67 -37.50
CA LYS G 53 21.87 -27.69 -36.45
C LYS G 53 23.14 -28.53 -36.31
N ASP G 54 23.90 -28.66 -37.39
CA ASP G 54 25.13 -29.46 -37.34
C ASP G 54 26.33 -28.62 -36.89
N GLY G 55 26.09 -27.36 -36.58
CA GLY G 55 27.16 -26.50 -36.14
C GLY G 55 27.85 -25.72 -37.24
N SER G 56 27.63 -26.11 -38.49
CA SER G 56 28.26 -25.40 -39.60
C SER G 56 27.70 -23.98 -39.62
N HIS G 57 28.49 -23.04 -40.11
CA HIS G 57 28.05 -21.65 -40.14
C HIS G 57 28.87 -20.79 -41.10
N SER G 58 28.28 -19.65 -41.48
CA SER G 58 28.92 -18.70 -42.36
C SER G 58 28.72 -17.32 -41.74
N THR G 59 29.82 -16.61 -41.50
CA THR G 59 29.75 -15.30 -40.87
C THR G 59 29.60 -14.17 -41.87
N GLY G 60 29.10 -13.03 -41.39
CA GLY G 60 28.92 -11.88 -42.24
C GLY G 60 30.22 -11.12 -42.40
N ASP G 61 30.21 -10.06 -43.21
CA ASP G 61 31.40 -9.27 -43.44
C ASP G 61 31.85 -8.50 -42.21
N GLY G 62 33.17 -8.42 -42.02
CA GLY G 62 33.72 -7.69 -40.89
C GLY G 62 33.67 -8.43 -39.56
N ILE G 63 33.14 -9.64 -39.56
CA ILE G 63 33.06 -10.41 -38.32
C ILE G 63 34.40 -11.08 -38.03
N PRO G 64 35.01 -10.75 -36.88
CA PRO G 64 36.30 -11.33 -36.48
C PRO G 64 36.28 -12.85 -36.35
N ASP G 65 37.42 -13.47 -36.67
CA ASP G 65 37.56 -14.91 -36.58
C ASP G 65 37.45 -15.44 -35.15
N ARG G 66 37.50 -14.53 -34.18
CA ARG G 66 37.37 -14.94 -32.78
C ARG G 66 35.91 -15.20 -32.47
N PHE G 67 35.07 -15.04 -33.48
CA PHE G 67 33.63 -15.27 -33.37
C PHE G 67 33.37 -16.62 -34.03
N SER G 68 32.73 -17.52 -33.32
CA SER G 68 32.42 -18.84 -33.88
C SER G 68 31.12 -19.36 -33.32
N GLY G 69 30.49 -20.27 -34.06
CA GLY G 69 29.23 -20.83 -33.61
C GLY G 69 29.30 -22.34 -33.54
N SER G 70 28.38 -22.92 -32.80
CA SER G 70 28.30 -24.37 -32.63
C SER G 70 26.88 -24.70 -32.19
N SER G 71 26.52 -25.98 -32.22
CA SER G 71 25.18 -26.38 -31.83
C SER G 71 25.17 -27.68 -31.03
N SER G 72 24.10 -27.87 -30.26
CA SER G 72 23.92 -29.08 -29.46
C SER G 72 22.42 -29.26 -29.20
N GLY G 73 21.82 -30.20 -29.92
CA GLY G 73 20.40 -30.42 -29.76
C GLY G 73 19.68 -29.16 -30.20
N ALA G 74 18.84 -28.62 -29.33
CA ALA G 74 18.09 -27.40 -29.63
C ALA G 74 18.90 -26.15 -29.31
N ASP G 75 20.07 -26.33 -28.71
CA ASP G 75 20.92 -25.19 -28.37
C ASP G 75 21.79 -24.70 -29.52
N ARG G 76 21.92 -23.38 -29.61
CA ARG G 76 22.73 -22.73 -30.63
C ARG G 76 23.66 -21.79 -29.84
N TYR G 77 24.96 -21.90 -30.06
CA TYR G 77 25.90 -21.06 -29.30
C TYR G 77 26.71 -20.06 -30.12
N LEU G 78 27.06 -18.97 -29.46
CA LEU G 78 27.89 -17.94 -30.06
C LEU G 78 29.08 -17.80 -29.12
N SER G 79 30.26 -18.19 -29.60
CA SER G 79 31.47 -18.11 -28.80
C SER G 79 32.34 -16.94 -29.23
N ILE G 80 32.77 -16.14 -28.26
CA ILE G 80 33.62 -15.00 -28.54
C ILE G 80 34.90 -15.19 -27.74
N SER G 81 36.02 -15.26 -28.45
CA SER G 81 37.29 -15.45 -27.79
C SER G 81 38.10 -14.17 -27.73
N ASN G 82 38.99 -14.09 -26.73
CA ASN G 82 39.83 -12.92 -26.57
C ASN G 82 38.97 -11.67 -26.69
N ILE G 83 37.93 -11.62 -25.86
CA ILE G 83 36.99 -10.50 -25.87
C ILE G 83 37.64 -9.12 -25.94
N GLN G 84 37.19 -8.33 -26.90
CA GLN G 84 37.70 -6.98 -27.10
C GLN G 84 36.63 -5.96 -26.69
N PRO G 85 37.04 -4.70 -26.50
CA PRO G 85 36.11 -3.63 -26.11
C PRO G 85 34.98 -3.44 -27.11
N GLU G 86 35.29 -3.62 -28.39
CA GLU G 86 34.31 -3.44 -29.45
C GLU G 86 33.23 -4.54 -29.48
N ASP G 87 33.43 -5.59 -28.68
CA ASP G 87 32.45 -6.68 -28.65
C ASP G 87 31.30 -6.39 -27.70
N GLU G 88 31.41 -5.31 -26.93
CA GLU G 88 30.35 -4.95 -26.02
C GLU G 88 29.11 -4.63 -26.85
N ALA G 89 28.03 -5.37 -26.59
CA ALA G 89 26.80 -5.15 -27.35
C ALA G 89 25.73 -6.13 -26.92
N ILE G 90 24.56 -6.00 -27.55
CA ILE G 90 23.46 -6.90 -27.28
C ILE G 90 23.51 -7.89 -28.42
N TYR G 91 23.50 -9.17 -28.09
CA TYR G 91 23.52 -10.22 -29.10
C TYR G 91 22.14 -10.84 -29.10
N ILE G 92 21.53 -10.84 -30.29
CA ILE G 92 20.18 -11.34 -30.46
C ILE G 92 20.12 -12.44 -31.50
N CYS G 93 19.46 -13.54 -31.17
CA CYS G 93 19.33 -14.61 -32.14
C CYS G 93 17.97 -14.47 -32.82
N GLY G 94 17.88 -15.00 -34.03
CA GLY G 94 16.63 -14.93 -34.78
C GLY G 94 16.42 -16.22 -35.55
N VAL G 95 15.17 -16.51 -35.88
CA VAL G 95 14.86 -17.72 -36.62
C VAL G 95 13.62 -17.49 -37.48
N GLY G 96 13.71 -17.86 -38.75
CA GLY G 96 12.61 -17.68 -39.68
C GLY G 96 12.00 -18.99 -40.14
N ASP G 97 10.78 -18.91 -40.67
CA ASP G 97 10.08 -20.08 -41.15
C ASP G 97 9.14 -19.57 -42.23
N THR G 98 9.53 -19.78 -43.49
CA THR G 98 8.77 -19.32 -44.64
C THR G 98 7.57 -20.21 -44.99
N ILE G 99 6.68 -20.38 -44.02
CA ILE G 99 5.47 -21.17 -44.20
C ILE G 99 4.51 -20.39 -45.10
N LYS G 100 4.21 -20.94 -46.27
CA LYS G 100 3.33 -20.29 -47.25
C LYS G 100 2.03 -19.71 -46.67
N GLU G 101 1.36 -20.44 -45.80
CA GLU G 101 0.11 -19.96 -45.22
C GLU G 101 0.32 -18.67 -44.42
N GLN G 102 1.50 -18.53 -43.83
CA GLN G 102 1.86 -17.36 -43.04
C GLN G 102 3.29 -17.44 -42.57
N PHE G 103 4.13 -16.49 -43.01
CA PHE G 103 5.53 -16.46 -42.62
C PHE G 103 5.65 -16.15 -41.13
N VAL G 104 6.76 -16.59 -40.55
CA VAL G 104 7.04 -16.36 -39.15
C VAL G 104 8.52 -16.09 -38.95
N TYR G 105 8.84 -15.10 -38.12
CA TYR G 105 10.23 -14.81 -37.78
C TYR G 105 10.20 -14.37 -36.34
N VAL G 106 10.98 -15.07 -35.51
CA VAL G 106 11.05 -14.78 -34.10
C VAL G 106 12.47 -14.37 -33.68
N PHE G 107 12.56 -13.42 -32.78
CA PHE G 107 13.84 -12.97 -32.25
C PHE G 107 13.88 -13.34 -30.78
N GLY G 108 15.08 -13.58 -30.25
CA GLY G 108 15.21 -13.88 -28.84
C GLY G 108 15.13 -12.57 -28.08
N GLY G 109 15.16 -12.62 -26.76
CA GLY G 109 15.07 -11.40 -25.96
C GLY G 109 16.37 -10.61 -25.88
N GLY G 110 17.44 -11.19 -26.40
CA GLY G 110 18.73 -10.52 -26.39
C GLY G 110 19.57 -10.79 -25.15
N THR G 111 20.89 -10.80 -25.34
CA THR G 111 21.84 -11.03 -24.25
C THR G 111 22.84 -9.88 -24.31
N LYS G 112 22.88 -9.07 -23.27
CA LYS G 112 23.80 -7.95 -23.25
C LYS G 112 25.17 -8.36 -22.71
N VAL G 113 26.19 -8.19 -23.53
CA VAL G 113 27.54 -8.53 -23.13
C VAL G 113 28.27 -7.23 -22.81
N THR G 114 28.69 -7.09 -21.56
CA THR G 114 29.42 -5.90 -21.11
C THR G 114 30.89 -6.26 -20.99
N VAL G 115 31.76 -5.40 -21.51
CA VAL G 115 33.20 -5.63 -21.45
C VAL G 115 33.87 -4.64 -20.50
N GLN H 1 28.43 -1.73 -53.11
CA GLN H 1 28.00 -1.63 -51.69
C GLN H 1 26.48 -1.48 -51.58
N VAL H 2 25.86 -2.41 -50.87
CA VAL H 2 24.42 -2.37 -50.67
C VAL H 2 24.10 -1.25 -49.69
N GLN H 3 23.12 -0.41 -50.04
CA GLN H 3 22.72 0.69 -49.18
C GLN H 3 21.21 0.80 -49.01
N LEU H 4 20.77 0.94 -47.77
CA LEU H 4 19.35 1.07 -47.47
C LEU H 4 19.22 2.32 -46.59
N GLN H 5 18.36 3.26 -46.96
CA GLN H 5 18.19 4.47 -46.18
C GLN H 5 16.72 4.81 -45.93
N GLU H 6 16.29 4.65 -44.68
CA GLU H 6 14.90 4.91 -44.30
C GLU H 6 14.64 6.39 -44.02
N SER H 7 13.37 6.77 -44.12
CA SER H 7 12.94 8.13 -43.84
C SER H 7 11.44 8.10 -43.56
N GLY H 8 10.92 9.18 -42.99
CA GLY H 8 9.49 9.26 -42.73
C GLY H 8 9.09 9.23 -41.27
N GLY H 9 10.02 8.90 -40.40
CA GLY H 9 9.71 8.83 -38.98
C GLY H 9 9.37 10.16 -38.36
N GLY H 10 8.77 10.12 -37.17
CA GLY H 10 8.41 11.35 -36.50
C GLY H 10 7.45 11.12 -35.35
N LEU H 11 6.92 12.20 -34.79
CA LEU H 11 6.00 12.12 -33.67
C LEU H 11 4.56 12.01 -34.16
N VAL H 12 3.86 10.99 -33.66
CA VAL H 12 2.48 10.74 -34.05
C VAL H 12 1.62 10.38 -32.84
N GLN H 13 0.30 10.38 -33.02
CA GLN H 13 -0.67 10.06 -31.97
C GLN H 13 -1.24 8.68 -32.14
N PRO H 14 -1.72 8.07 -31.03
CA PRO H 14 -2.32 6.75 -31.16
C PRO H 14 -3.54 6.95 -32.06
N GLY H 15 -3.78 6.02 -32.97
CA GLY H 15 -4.92 6.14 -33.86
C GLY H 15 -4.59 6.86 -35.16
N GLY H 16 -3.41 7.49 -35.20
CA GLY H 16 -3.01 8.20 -36.38
C GLY H 16 -2.33 7.30 -37.40
N SER H 17 -1.70 7.90 -38.40
CA SER H 17 -1.03 7.12 -39.43
C SER H 17 0.13 7.89 -40.04
N LEU H 18 1.01 7.15 -40.70
CA LEU H 18 2.16 7.73 -41.39
C LEU H 18 2.73 6.68 -42.33
N LYS H 19 3.56 7.11 -43.28
CA LYS H 19 4.14 6.19 -44.22
C LYS H 19 5.66 6.34 -44.26
N LEU H 20 6.37 5.24 -44.09
CA LEU H 20 7.84 5.26 -44.12
C LEU H 20 8.32 4.86 -45.51
N SER H 21 9.51 5.31 -45.87
CA SER H 21 10.10 4.97 -47.16
C SER H 21 11.53 4.45 -46.94
N CYS H 22 12.01 3.63 -47.86
CA CYS H 22 13.36 3.08 -47.81
C CYS H 22 13.95 3.18 -49.21
N ALA H 23 15.03 3.93 -49.36
CA ALA H 23 15.66 4.07 -50.67
C ALA H 23 16.78 3.04 -50.74
N ALA H 24 16.70 2.15 -51.72
CA ALA H 24 17.70 1.10 -51.89
C ALA H 24 18.61 1.39 -53.08
N SER H 25 19.86 0.95 -52.97
CA SER H 25 20.84 1.12 -54.04
C SER H 25 21.95 0.09 -53.84
N GLY H 26 22.76 -0.12 -54.87
CA GLY H 26 23.84 -1.08 -54.77
C GLY H 26 23.45 -2.51 -55.11
N PHE H 27 22.25 -2.70 -55.63
CA PHE H 27 21.79 -4.02 -56.02
C PHE H 27 20.52 -3.94 -56.84
N THR H 28 20.18 -5.02 -57.53
CA THR H 28 18.98 -5.06 -58.35
C THR H 28 17.79 -5.26 -57.43
N PHE H 29 17.17 -4.14 -57.06
CA PHE H 29 16.04 -4.12 -56.14
C PHE H 29 14.93 -5.11 -56.45
N ARG H 30 14.47 -5.16 -57.69
CA ARG H 30 13.37 -6.06 -58.06
C ARG H 30 13.67 -7.55 -57.95
N ASP H 31 14.94 -7.91 -57.78
CA ASP H 31 15.31 -9.32 -57.65
C ASP H 31 15.26 -9.82 -56.22
N TYR H 32 14.95 -8.95 -55.27
CA TYR H 32 14.96 -9.36 -53.86
C TYR H 32 13.71 -9.17 -53.04
N TYR H 33 13.51 -10.07 -52.10
CA TYR H 33 12.41 -9.96 -51.16
C TYR H 33 12.88 -8.81 -50.28
N MET H 34 11.95 -8.05 -49.70
CA MET H 34 12.33 -6.95 -48.82
C MET H 34 11.56 -7.06 -47.51
N TYR H 35 12.10 -6.45 -46.46
CA TYR H 35 11.50 -6.54 -45.13
C TYR H 35 11.57 -5.25 -44.33
N TRP H 36 10.76 -5.22 -43.27
CA TRP H 36 10.79 -4.13 -42.30
C TRP H 36 10.92 -4.87 -40.98
N VAL H 37 11.77 -4.34 -40.11
CA VAL H 37 12.00 -4.88 -38.77
C VAL H 37 12.06 -3.68 -37.86
N ARG H 38 11.60 -3.82 -36.61
CA ARG H 38 11.65 -2.68 -35.71
C ARG H 38 12.32 -3.04 -34.40
N GLN H 39 12.84 -2.02 -33.73
CA GLN H 39 13.48 -2.20 -32.44
C GLN H 39 12.81 -1.26 -31.45
N THR H 40 12.23 -1.83 -30.40
CA THR H 40 11.53 -1.05 -29.39
C THR H 40 12.52 -0.33 -28.49
N PRO H 41 12.03 0.64 -27.70
CA PRO H 41 12.91 1.38 -26.80
C PRO H 41 13.59 0.45 -25.79
N GLU H 42 12.96 -0.69 -25.52
CA GLU H 42 13.52 -1.67 -24.59
C GLU H 42 14.59 -2.52 -25.31
N LYS H 43 14.89 -2.14 -26.54
CA LYS H 43 15.90 -2.79 -27.38
C LYS H 43 15.58 -4.16 -27.98
N ARG H 44 14.32 -4.57 -27.89
CA ARG H 44 13.93 -5.85 -28.45
C ARG H 44 13.60 -5.72 -29.93
N LEU H 45 14.00 -6.71 -30.72
CA LEU H 45 13.73 -6.69 -32.16
C LEU H 45 12.46 -7.47 -32.51
N GLU H 46 11.72 -6.98 -33.50
CA GLU H 46 10.49 -7.62 -33.93
C GLU H 46 10.35 -7.48 -35.43
N TRP H 47 10.18 -8.60 -36.14
CA TRP H 47 9.98 -8.58 -37.58
C TRP H 47 8.60 -7.95 -37.79
N VAL H 48 8.49 -7.05 -38.77
CA VAL H 48 7.25 -6.34 -39.03
C VAL H 48 6.53 -6.66 -40.34
N ALA H 49 7.28 -6.87 -41.43
CA ALA H 49 6.64 -7.14 -42.71
C ALA H 49 7.56 -7.74 -43.75
N PHE H 50 6.96 -8.44 -44.71
CA PHE H 50 7.66 -9.08 -45.80
C PHE H 50 6.93 -8.81 -47.11
N ILE H 51 7.67 -8.62 -48.19
CA ILE H 51 7.06 -8.44 -49.50
C ILE H 51 7.91 -9.13 -50.55
N SER H 52 7.27 -9.91 -51.41
CA SER H 52 7.99 -10.62 -52.47
C SER H 52 8.47 -9.65 -53.54
N ASN H 53 9.25 -10.18 -54.50
CA ASN H 53 9.81 -9.38 -55.59
C ASN H 53 8.84 -8.43 -56.26
N GLY H 54 7.73 -8.99 -56.74
CA GLY H 54 6.75 -8.20 -57.45
C GLY H 54 5.58 -7.70 -56.62
N GLY H 55 5.55 -8.07 -55.35
CA GLY H 55 4.48 -7.62 -54.46
C GLY H 55 3.32 -8.58 -54.26
N GLY H 56 3.32 -9.68 -55.00
CA GLY H 56 2.25 -10.67 -54.92
C GLY H 56 2.07 -11.36 -53.58
N SER H 57 3.11 -11.39 -52.76
CA SER H 57 3.01 -12.01 -51.45
C SER H 57 3.47 -11.03 -50.38
N THR H 58 2.68 -10.88 -49.34
CA THR H 58 3.00 -9.99 -48.22
C THR H 58 2.58 -10.73 -46.95
N TYR H 59 3.40 -10.63 -45.91
CA TYR H 59 3.11 -11.29 -44.65
C TYR H 59 3.43 -10.35 -43.50
N TYR H 60 2.69 -10.49 -42.41
CA TYR H 60 2.87 -9.65 -41.22
C TYR H 60 2.61 -10.46 -39.97
N PRO H 61 3.22 -10.06 -38.84
CA PRO H 61 3.00 -10.77 -37.59
C PRO H 61 1.63 -10.27 -37.09
N ASP H 62 1.00 -11.03 -36.19
CA ASP H 62 -0.31 -10.65 -35.69
C ASP H 62 -0.39 -9.27 -35.04
N THR H 63 0.73 -8.80 -34.51
CA THR H 63 0.77 -7.50 -33.85
C THR H 63 0.47 -6.33 -34.76
N VAL H 64 0.78 -6.46 -36.05
CA VAL H 64 0.52 -5.35 -36.98
C VAL H 64 -0.38 -5.69 -38.15
N LYS H 65 -0.73 -6.96 -38.31
CA LYS H 65 -1.60 -7.37 -39.41
C LYS H 65 -2.91 -6.59 -39.39
N GLY H 66 -3.30 -6.08 -40.55
CA GLY H 66 -4.53 -5.32 -40.63
C GLY H 66 -4.35 -3.83 -40.36
N ARG H 67 -3.18 -3.45 -39.88
CA ARG H 67 -2.89 -2.05 -39.59
C ARG H 67 -1.74 -1.53 -40.45
N PHE H 68 -0.74 -2.38 -40.69
CA PHE H 68 0.42 -2.00 -41.50
C PHE H 68 0.34 -2.62 -42.90
N THR H 69 0.86 -1.90 -43.89
CA THR H 69 0.88 -2.42 -45.25
C THR H 69 2.25 -2.15 -45.84
N ILE H 70 2.90 -3.20 -46.33
CA ILE H 70 4.20 -3.06 -46.95
C ILE H 70 3.99 -3.02 -48.47
N SER H 71 4.71 -2.14 -49.14
CA SER H 71 4.60 -2.01 -50.60
C SER H 71 5.94 -1.61 -51.18
N ARG H 72 6.06 -1.65 -52.50
CA ARG H 72 7.32 -1.29 -53.12
C ARG H 72 7.11 -0.71 -54.51
N ASP H 73 8.10 0.05 -54.97
CA ASP H 73 8.07 0.64 -56.29
C ASP H 73 9.40 0.25 -56.88
N ASN H 74 9.41 -0.84 -57.64
CA ASN H 74 10.62 -1.37 -58.25
C ASN H 74 11.31 -0.41 -59.20
N ALA H 75 10.55 0.45 -59.86
CA ALA H 75 11.13 1.42 -60.78
C ALA H 75 11.91 2.48 -60.02
N LYS H 76 11.40 2.84 -58.84
CA LYS H 76 12.04 3.86 -58.02
C LYS H 76 12.96 3.27 -56.95
N ASN H 77 13.11 1.96 -56.95
CA ASN H 77 13.96 1.26 -55.98
C ASN H 77 13.62 1.71 -54.56
N THR H 78 12.34 1.76 -54.24
CA THR H 78 11.91 2.19 -52.92
C THR H 78 10.93 1.22 -52.28
N LEU H 79 11.10 1.03 -50.97
CA LEU H 79 10.23 0.16 -50.19
C LEU H 79 9.43 1.09 -49.27
N TYR H 80 8.20 0.71 -48.96
CA TYR H 80 7.36 1.55 -48.10
C TYR H 80 6.66 0.76 -47.02
N LEU H 81 6.31 1.45 -45.93
CA LEU H 81 5.56 0.85 -44.84
C LEU H 81 4.48 1.85 -44.44
N GLN H 82 3.23 1.54 -44.76
CA GLN H 82 2.12 2.39 -44.38
C GLN H 82 1.68 1.90 -43.00
N MET H 83 1.65 2.80 -42.03
CA MET H 83 1.30 2.46 -40.67
C MET H 83 0.01 3.18 -40.27
N SER H 84 -1.08 2.44 -40.15
CA SER H 84 -2.37 3.03 -39.79
C SER H 84 -2.84 2.57 -38.42
N ARG H 85 -3.83 3.28 -37.86
CA ARG H 85 -4.38 2.97 -36.55
C ARG H 85 -3.24 2.70 -35.57
N LEU H 86 -2.33 3.65 -35.50
CA LEU H 86 -1.16 3.53 -34.64
C LEU H 86 -1.47 3.24 -33.18
N LYS H 87 -0.58 2.47 -32.55
CA LYS H 87 -0.67 2.11 -31.14
C LYS H 87 0.62 2.57 -30.47
N SER H 88 0.55 2.85 -29.17
CA SER H 88 1.74 3.27 -28.45
C SER H 88 2.85 2.23 -28.60
N GLU H 89 2.48 0.96 -28.70
CA GLU H 89 3.45 -0.12 -28.83
C GLU H 89 4.20 -0.09 -30.16
N ASP H 90 3.75 0.76 -31.09
CA ASP H 90 4.43 0.86 -32.38
C ASP H 90 5.64 1.78 -32.29
N THR H 91 5.85 2.39 -31.12
CA THR H 91 7.00 3.27 -30.93
C THR H 91 8.26 2.43 -31.08
N ALA H 92 9.11 2.80 -32.03
CA ALA H 92 10.34 2.04 -32.26
C ALA H 92 11.17 2.63 -33.38
N MET H 93 12.37 2.09 -33.54
CA MET H 93 13.25 2.45 -34.63
C MET H 93 12.90 1.43 -35.70
N TYR H 94 12.51 1.90 -36.88
CA TYR H 94 12.13 1.00 -37.97
C TYR H 94 13.24 0.86 -38.98
N TYR H 95 13.55 -0.39 -39.30
CA TYR H 95 14.59 -0.72 -40.26
C TYR H 95 14.08 -1.46 -41.48
N CYS H 96 14.67 -1.13 -42.60
CA CYS H 96 14.39 -1.76 -43.88
C CYS H 96 15.52 -2.78 -43.95
N ALA H 97 15.25 -3.97 -44.49
CA ALA H 97 16.30 -5.00 -44.57
C ALA H 97 16.18 -5.82 -45.85
N ARG H 98 17.30 -6.39 -46.27
CA ARG H 98 17.36 -7.23 -47.46
C ARG H 98 18.12 -8.49 -47.06
N GLY H 99 17.79 -9.62 -47.68
CA GLY H 99 18.47 -10.86 -47.34
C GLY H 99 19.58 -11.29 -48.27
N ARG H 100 20.15 -12.45 -47.97
CA ARG H 100 21.21 -13.05 -48.77
C ARG H 100 21.19 -14.56 -48.50
N GLY H 101 21.17 -15.35 -49.57
CA GLY H 101 21.10 -16.79 -49.40
C GLY H 101 19.73 -17.12 -48.85
N TYR H 102 19.69 -17.69 -47.66
CA TYR H 102 18.42 -18.02 -47.02
C TYR H 102 18.20 -17.12 -45.81
N VAL H 103 19.15 -16.22 -45.56
CA VAL H 103 19.04 -15.30 -44.43
C VAL H 103 18.18 -14.10 -44.81
N TRP H 104 17.14 -13.86 -44.02
CA TRP H 104 16.21 -12.76 -44.27
C TRP H 104 16.83 -11.38 -44.09
N PHE H 105 17.53 -11.19 -42.98
CA PHE H 105 18.11 -9.89 -42.65
C PHE H 105 19.64 -9.81 -42.71
N ALA H 106 20.19 -9.82 -43.93
CA ALA H 106 21.63 -9.74 -44.12
C ALA H 106 22.13 -8.29 -44.15
N TYR H 107 21.32 -7.40 -44.73
CA TYR H 107 21.65 -5.97 -44.83
C TYR H 107 20.56 -5.15 -44.16
N TRP H 108 20.97 -4.17 -43.35
CA TRP H 108 20.04 -3.30 -42.63
C TRP H 108 20.27 -1.84 -42.95
N GLY H 109 19.21 -1.04 -42.88
CA GLY H 109 19.34 0.38 -43.13
C GLY H 109 19.79 1.04 -41.83
N GLN H 110 19.81 2.37 -41.79
CA GLN H 110 20.23 3.09 -40.58
C GLN H 110 19.09 3.27 -39.60
N GLY H 111 17.86 3.13 -40.10
CA GLY H 111 16.68 3.27 -39.26
C GLY H 111 16.03 4.63 -39.18
N THR H 112 14.73 4.64 -38.91
CA THR H 112 13.98 5.87 -38.74
C THR H 112 13.05 5.63 -37.55
N THR H 113 13.03 6.59 -36.62
CA THR H 113 12.23 6.46 -35.41
C THR H 113 10.80 6.96 -35.50
N VAL H 114 9.86 6.13 -35.07
CA VAL H 114 8.45 6.50 -35.01
C VAL H 114 8.12 6.55 -33.54
N THR H 115 7.63 7.70 -33.08
CA THR H 115 7.28 7.90 -31.67
C THR H 115 5.80 8.17 -31.55
N VAL H 116 5.08 7.22 -30.96
CA VAL H 116 3.64 7.35 -30.78
C VAL H 116 3.36 7.82 -29.36
N SER H 117 2.75 8.99 -29.23
CA SER H 117 2.46 9.57 -27.93
C SER H 117 1.72 8.68 -26.95
N SER H 118 1.36 9.29 -25.82
CA SER H 118 0.66 8.62 -24.72
C SER H 118 1.70 7.92 -23.86
N GLN I 1 -9.80 34.57 33.76
CA GLN I 1 -9.20 33.47 32.95
C GLN I 1 -8.25 33.95 31.86
N GLN I 2 -7.64 32.98 31.17
CA GLN I 2 -6.67 33.22 30.11
C GLN I 2 -7.17 33.98 28.88
N GLN I 3 -6.27 34.75 28.26
CA GLN I 3 -6.58 35.50 27.06
C GLN I 3 -5.98 34.74 25.88
N GLN I 4 -6.82 34.42 24.90
CA GLN I 4 -6.38 33.68 23.72
C GLN I 4 -5.41 34.48 22.86
N GLN I 5 -4.31 33.85 22.47
CA GLN I 5 -3.32 34.49 21.62
C GLN I 5 -3.53 34.06 20.17
N GLN I 6 -3.61 35.03 19.28
CA GLN I 6 -3.84 34.77 17.83
C GLN I 6 -2.76 35.48 17.00
N GLN I 7 -2.67 35.07 15.73
CA GLN I 7 -1.70 35.59 14.75
C GLN I 7 -2.29 35.72 13.34
N GLN I 8 -2.03 36.84 12.66
CA GLN I 8 -2.52 37.01 11.27
C GLN I 8 -1.66 36.03 10.47
N GLN I 9 -2.28 35.28 9.59
CA GLN I 9 -1.56 34.28 8.81
C GLN I 9 -0.70 34.79 7.65
N GLN I 10 -1.03 35.96 7.10
CA GLN I 10 -0.27 36.53 5.99
C GLN I 10 0.63 37.66 6.46
N GLY I 11 1.92 37.55 6.16
CA GLY I 11 2.87 38.58 6.54
C GLY I 11 3.90 38.78 5.46
N GLN J 1 1.80 -34.89 -11.16
CA GLN J 1 1.43 -33.64 -10.45
C GLN J 1 0.46 -32.77 -11.27
N GLN J 2 0.38 -31.48 -10.95
CA GLN J 2 -0.55 -30.57 -11.65
C GLN J 2 0.17 -29.82 -12.79
N GLN J 3 -0.59 -29.45 -13.81
CA GLN J 3 -0.06 -28.70 -14.96
C GLN J 3 -0.51 -27.24 -14.84
N GLN J 4 0.45 -26.35 -14.67
CA GLN J 4 0.17 -24.91 -14.55
C GLN J 4 -0.45 -24.34 -15.82
N GLN J 5 -1.48 -23.51 -15.61
CA GLN J 5 -2.17 -22.88 -16.71
C GLN J 5 -1.71 -21.42 -16.80
N GLN J 6 -1.43 -20.96 -18.02
CA GLN J 6 -0.98 -19.59 -18.23
C GLN J 6 -1.74 -18.96 -19.40
N GLN J 7 -1.72 -17.63 -19.47
CA GLN J 7 -2.41 -16.89 -20.53
C GLN J 7 -1.52 -15.78 -21.08
N GLN J 8 -1.59 -15.56 -22.39
CA GLN J 8 -0.82 -14.48 -22.99
C GLN J 8 -1.58 -13.22 -22.52
N GLN J 9 -0.83 -12.24 -22.04
CA GLN J 9 -1.43 -11.03 -21.48
C GLN J 9 -1.98 -10.00 -22.47
N GLN J 10 -1.41 -9.96 -23.68
CA GLN J 10 -1.82 -9.02 -24.72
C GLN J 10 -2.63 -9.76 -25.76
N GLY J 11 -3.58 -9.03 -26.37
CA GLY J 11 -4.48 -9.64 -27.34
C GLY J 11 -5.96 -9.44 -27.15
N GLN K 1 -16.46 16.21 50.31
CA GLN K 1 -16.16 14.94 49.62
C GLN K 1 -14.77 14.91 48.96
N GLN K 2 -14.48 13.80 48.28
CA GLN K 2 -13.17 13.56 47.64
C GLN K 2 -13.04 13.99 46.19
N GLN K 3 -11.83 14.35 45.82
CA GLN K 3 -11.50 14.77 44.46
C GLN K 3 -10.71 13.64 43.81
N GLN K 4 -11.25 13.12 42.72
CA GLN K 4 -10.67 12.03 41.95
C GLN K 4 -9.34 12.42 41.33
N GLN K 5 -8.39 11.51 41.41
CA GLN K 5 -7.07 11.73 40.85
C GLN K 5 -6.98 10.88 39.58
N GLN K 6 -6.45 11.46 38.52
CA GLN K 6 -6.30 10.79 37.22
C GLN K 6 -4.93 11.08 36.62
N GLN K 7 -4.50 10.22 35.70
CA GLN K 7 -3.21 10.37 35.03
C GLN K 7 -3.30 10.06 33.55
N GLN K 8 -2.51 10.75 32.75
CA GLN K 8 -2.48 10.51 31.31
C GLN K 8 -1.81 9.15 31.16
N GLN K 9 -2.40 8.27 30.37
CA GLN K 9 -1.88 6.91 30.21
C GLN K 9 -0.68 6.80 29.24
N GLN K 10 -0.50 7.78 28.36
CA GLN K 10 0.59 7.82 27.41
C GLN K 10 1.54 8.92 27.77
N GLY K 11 2.84 8.60 27.81
CA GLY K 11 3.83 9.62 28.14
C GLY K 11 4.68 9.26 29.34
N GLN L 1 9.13 -34.20 -35.48
CA GLN L 1 9.47 -32.75 -35.34
C GLN L 1 9.10 -31.97 -36.61
N GLN L 2 9.17 -30.64 -36.53
CA GLN L 2 8.84 -29.78 -37.67
C GLN L 2 10.06 -29.44 -38.53
N GLN L 3 9.86 -29.41 -39.85
CA GLN L 3 10.92 -29.07 -40.80
C GLN L 3 10.83 -27.58 -41.15
N GLN L 4 11.91 -26.84 -40.87
CA GLN L 4 11.98 -25.40 -41.15
C GLN L 4 11.86 -25.14 -42.66
N GLN L 5 11.06 -24.15 -43.02
CA GLN L 5 10.89 -23.81 -44.41
C GLN L 5 11.83 -22.64 -44.68
N GLN L 6 12.61 -22.76 -45.74
CA GLN L 6 13.53 -21.69 -46.10
C GLN L 6 13.26 -21.22 -47.52
N GLN L 7 13.80 -20.05 -47.86
CA GLN L 7 13.55 -19.47 -49.16
C GLN L 7 14.71 -18.62 -49.67
N GLN L 8 15.14 -18.88 -50.90
CA GLN L 8 16.24 -18.13 -51.54
C GLN L 8 15.84 -16.66 -51.67
N GLN L 9 16.70 -15.77 -51.19
CA GLN L 9 16.40 -14.35 -51.21
C GLN L 9 16.45 -13.65 -52.59
N GLN L 10 17.39 -14.03 -53.46
CA GLN L 10 17.50 -13.41 -54.79
C GLN L 10 16.86 -14.26 -55.89
N GLY L 11 16.15 -13.58 -56.79
CA GLY L 11 15.50 -14.25 -57.90
C GLY L 11 14.05 -14.58 -57.67
#